data_4CHX
#
_entry.id   4CHX
#
_cell.length_a   50.160
_cell.length_b   115.000
_cell.length_c   61.280
_cell.angle_alpha   90.00
_cell.angle_beta   93.21
_cell.angle_gamma   90.00
#
_symmetry.space_group_name_H-M   'P 1 21 1'
#
loop_
_entity.id
_entity.type
_entity.pdbx_description
1 polymer 'Membrane-bound lytic murein transglycosylase C'
2 polymer NAG-ANHMUR-PENTAPEPTIDE
3 non-polymer 2-acetamido-2-deoxy-beta-D-glucopyranose
4 non-polymer '2-(2-ACETYLAMINO-4-HYDROXY-6,8-DIOXA-BICYCLO[3.2.1]OCT-3-YLOXY)-PROPIONIC ACID'
5 water water
#
loop_
_entity_poly.entity_id
_entity_poly.type
_entity_poly.pdbx_seq_one_letter_code
_entity_poly.pdbx_strand_id
1 'polypeptide(L)'
;MTKKGDTYNEAWVKDTNGFDILMGQFAHNIENIWGFKEVVIAGPKDYVKYTDQYQTRSHINFDDGTITIETIAGTEPAAH
LRRAIIKTLLMGDDPSSVDLYSDVDDITISKEPFLYGQVVDNTGQPIRWEGRASNFADYLLKNRLKSRSNGLRIIYSVTI
NMVPNHLDKRAHKYLGMVRQASRKYGVDESLILAIMQTQSSFNPYAVSRSDALGLMQVVQHTAGKDVFRSQGKSGTPSRS
FLFDPASNIDTGTAYLAMLNNVYLGGIDNPTSRRYAVITAYNGGAGSVLRVFSNDKIQAANIINTMTPGDVYQTLTTRHP
SAESRRYLYKVNTAQKSYRRR
;
A,B
2 'polypeptide(L)' A(DGL)(API)(DAL)(DAL) C
#
# COMPACT_ATOMS: atom_id res chain seq x y z
N ASP A 15 -8.93 5.76 -36.79
CA ASP A 15 -10.06 5.11 -37.46
C ASP A 15 -9.99 3.61 -37.24
N THR A 16 -11.09 3.03 -36.78
CA THR A 16 -11.14 1.60 -36.55
C THR A 16 -11.03 0.77 -37.82
N ASN A 17 -11.64 1.24 -38.91
CA ASN A 17 -11.63 0.48 -40.15
C ASN A 17 -10.21 0.36 -40.66
N GLY A 18 -9.44 1.43 -40.50
CA GLY A 18 -8.03 1.40 -40.89
C GLY A 18 -7.26 0.39 -40.07
N PHE A 19 -7.52 0.34 -38.77
CA PHE A 19 -6.93 -0.64 -37.91
C PHE A 19 -7.32 -2.07 -38.24
N ASP A 20 -8.56 -2.31 -38.58
CA ASP A 20 -9.01 -3.63 -38.95
C ASP A 20 -8.37 -4.12 -40.23
N ILE A 21 -8.06 -3.19 -41.12
CA ILE A 21 -7.43 -3.48 -42.40
C ILE A 21 -5.98 -3.87 -42.22
N LEU A 22 -5.26 -3.04 -41.46
CA LEU A 22 -3.87 -3.27 -41.16
C LEU A 22 -3.73 -4.55 -40.38
N MET A 23 -4.62 -4.80 -39.46
CA MET A 23 -4.59 -6.05 -38.74
C MET A 23 -4.71 -7.26 -39.63
N GLY A 24 -5.58 -7.17 -40.63
CA GLY A 24 -5.74 -8.15 -41.66
C GLY A 24 -4.49 -8.33 -42.47
N GLN A 25 -3.88 -7.24 -42.83
CA GLN A 25 -2.63 -7.24 -43.58
C GLN A 25 -1.49 -7.86 -42.77
N PHE A 26 -1.45 -7.51 -41.49
CA PHE A 26 -0.42 -8.01 -40.59
C PHE A 26 -0.51 -9.54 -40.43
N ALA A 27 -1.69 -10.04 -40.18
CA ALA A 27 -1.87 -11.46 -40.10
C ALA A 27 -1.52 -12.19 -41.38
N HIS A 28 -1.87 -11.61 -42.50
CA HIS A 28 -1.51 -12.21 -43.79
C HIS A 28 0.00 -12.25 -44.05
N ASN A 29 0.71 -11.18 -43.72
CA ASN A 29 2.15 -11.12 -43.90
C ASN A 29 2.87 -12.19 -43.08
N ILE A 30 2.34 -12.49 -41.90
CA ILE A 30 2.91 -13.57 -41.08
C ILE A 30 2.62 -14.94 -41.70
N GLU A 31 1.41 -15.11 -42.23
CA GLU A 31 0.97 -16.36 -42.85
C GLU A 31 1.85 -16.76 -44.06
N ASN A 32 2.25 -15.77 -44.85
CA ASN A 32 2.98 -16.02 -46.08
C ASN A 32 4.37 -16.58 -45.85
N ILE A 33 5.00 -16.06 -44.79
CA ILE A 33 6.36 -16.40 -44.38
C ILE A 33 6.43 -17.61 -43.45
N TRP A 34 5.53 -17.69 -42.50
CA TRP A 34 5.60 -18.65 -41.45
C TRP A 34 4.69 -19.80 -41.63
N GLY A 35 3.64 -19.61 -42.39
CA GLY A 35 2.65 -20.65 -42.55
C GLY A 35 1.46 -20.37 -41.68
N PHE A 36 0.28 -20.77 -42.12
CA PHE A 36 -0.92 -20.53 -41.33
C PHE A 36 -0.86 -21.13 -39.93
N LYS A 37 -0.26 -22.27 -39.82
CA LYS A 37 -0.17 -22.94 -38.55
C LYS A 37 0.96 -22.42 -37.64
N GLU A 38 1.62 -21.33 -38.05
CA GLU A 38 2.71 -20.74 -37.27
C GLU A 38 2.47 -19.26 -36.96
N VAL A 39 1.25 -18.79 -37.18
CA VAL A 39 0.87 -17.44 -36.92
C VAL A 39 0.70 -17.12 -35.44
N VAL A 40 1.64 -16.41 -34.85
CA VAL A 40 1.58 -16.03 -33.47
C VAL A 40 1.44 -14.53 -33.39
N ILE A 41 0.41 -14.10 -32.73
CA ILE A 41 0.06 -12.70 -32.59
C ILE A 41 -0.03 -12.23 -31.14
N ALA A 42 0.30 -10.98 -30.91
CA ALA A 42 0.27 -10.40 -29.60
C ALA A 42 -1.10 -10.38 -28.97
N GLY A 43 -1.15 -10.76 -27.73
CA GLY A 43 -2.39 -10.86 -27.01
C GLY A 43 -2.33 -10.24 -25.65
N PRO A 44 -3.50 -10.39 -24.92
CA PRO A 44 -3.48 -9.73 -23.60
C PRO A 44 -2.35 -10.13 -22.70
N LYS A 45 -1.92 -11.36 -22.78
CA LYS A 45 -0.89 -11.86 -21.92
C LYS A 45 0.34 -12.27 -22.68
N ASP A 46 0.48 -11.80 -23.89
CA ASP A 46 1.57 -12.22 -24.73
C ASP A 46 2.11 -11.11 -25.59
N TYR A 47 3.26 -10.60 -25.26
CA TYR A 47 3.91 -9.66 -26.13
C TYR A 47 4.51 -10.40 -27.33
N VAL A 48 4.10 -10.01 -28.54
CA VAL A 48 4.74 -10.58 -29.74
C VAL A 48 5.09 -9.45 -30.70
N LYS A 49 6.37 -9.39 -31.07
CA LYS A 49 6.92 -8.39 -31.98
C LYS A 49 7.69 -9.02 -33.14
N TYR A 50 7.26 -8.74 -34.37
CA TYR A 50 7.89 -9.18 -35.61
C TYR A 50 8.91 -8.15 -36.13
N THR A 51 10.09 -8.56 -36.53
CA THR A 51 11.06 -7.71 -37.21
C THR A 51 11.59 -8.49 -38.40
N ASP A 52 12.57 -7.90 -39.10
CA ASP A 52 13.29 -8.55 -40.19
C ASP A 52 12.37 -9.01 -41.29
N GLN A 53 11.46 -8.13 -41.68
CA GLN A 53 10.48 -8.44 -42.71
C GLN A 53 9.73 -9.73 -42.35
N TYR A 54 9.42 -9.84 -41.07
CA TYR A 54 8.58 -10.91 -40.48
C TYR A 54 9.29 -12.23 -40.31
N GLN A 55 10.60 -12.27 -40.56
CA GLN A 55 11.39 -13.48 -40.41
C GLN A 55 11.77 -13.80 -38.99
N THR A 56 11.82 -12.76 -38.17
CA THR A 56 12.19 -12.81 -36.75
C THR A 56 11.04 -12.33 -35.89
N ARG A 57 10.69 -13.09 -34.88
CA ARG A 57 9.72 -12.66 -33.90
C ARG A 57 10.18 -12.84 -32.45
N SER A 58 9.81 -11.93 -31.58
CA SER A 58 10.07 -12.04 -30.13
C SER A 58 8.77 -12.21 -29.31
N HIS A 59 8.70 -13.27 -28.51
CA HIS A 59 7.50 -13.56 -27.73
C HIS A 59 7.72 -13.64 -26.22
N ILE A 60 7.15 -12.68 -25.50
CA ILE A 60 7.06 -12.75 -24.05
C ILE A 60 5.69 -13.28 -23.64
N ASN A 61 5.67 -14.47 -23.03
CA ASN A 61 4.47 -15.08 -22.44
C ASN A 61 4.42 -14.77 -20.95
N PHE A 62 3.60 -13.79 -20.57
CA PHE A 62 3.58 -13.30 -19.19
C PHE A 62 2.97 -14.27 -18.19
N ASP A 63 2.08 -15.14 -18.63
CA ASP A 63 1.55 -16.11 -17.69
C ASP A 63 2.60 -17.12 -17.28
N ASP A 64 3.29 -17.67 -18.27
CA ASP A 64 4.22 -18.76 -18.07
C ASP A 64 5.64 -18.32 -17.72
N GLY A 65 5.91 -17.02 -17.81
CA GLY A 65 7.25 -16.51 -17.53
C GLY A 65 8.36 -16.96 -18.48
N THR A 66 8.05 -17.03 -19.78
CA THR A 66 9.07 -17.45 -20.76
C THR A 66 9.20 -16.43 -21.86
N ILE A 67 10.41 -16.30 -22.35
CA ILE A 67 10.69 -15.45 -23.50
C ILE A 67 11.18 -16.30 -24.67
N THR A 68 10.42 -16.33 -25.76
CA THR A 68 10.87 -17.14 -26.89
C THR A 68 11.19 -16.27 -28.11
N ILE A 69 12.41 -16.39 -28.57
CA ILE A 69 12.84 -15.64 -29.73
C ILE A 69 13.05 -16.61 -30.87
N GLU A 70 12.39 -16.35 -32.00
CA GLU A 70 12.43 -17.24 -33.16
C GLU A 70 12.84 -16.54 -34.46
N THR A 71 13.56 -17.25 -35.33
CA THR A 71 13.78 -16.73 -36.68
C THR A 71 13.66 -17.82 -37.75
N ILE A 72 13.11 -17.40 -38.91
CA ILE A 72 12.95 -18.26 -40.06
C ILE A 72 13.75 -17.74 -41.28
N ALA A 73 14.62 -16.78 -41.03
CA ALA A 73 15.58 -16.29 -42.02
C ALA A 73 16.48 -17.39 -42.53
N GLY A 74 16.54 -17.57 -43.84
CA GLY A 74 17.41 -18.57 -44.42
C GLY A 74 18.89 -18.25 -44.35
N THR A 75 19.24 -16.96 -44.29
CA THR A 75 20.64 -16.57 -44.15
C THR A 75 20.96 -15.97 -42.75
N GLU A 76 22.10 -16.38 -42.19
CA GLU A 76 22.65 -15.94 -40.88
C GLU A 76 21.61 -15.88 -39.76
N PRO A 77 21.02 -17.04 -39.44
CA PRO A 77 19.91 -17.08 -38.48
C PRO A 77 20.36 -16.57 -37.14
N ALA A 78 21.55 -16.97 -36.71
CA ALA A 78 22.04 -16.62 -35.38
C ALA A 78 22.15 -15.11 -35.18
N ALA A 79 22.59 -14.38 -36.20
CA ALA A 79 22.72 -12.93 -36.04
C ALA A 79 21.34 -12.29 -35.89
N HIS A 80 20.37 -12.84 -36.60
CA HIS A 80 19.00 -12.35 -36.47
C HIS A 80 18.51 -12.54 -35.04
N LEU A 81 18.73 -13.73 -34.48
CA LEU A 81 18.28 -14.03 -33.13
C LEU A 81 18.99 -13.09 -32.12
N ARG A 82 20.29 -12.93 -32.33
CA ARG A 82 21.13 -12.09 -31.50
C ARG A 82 20.59 -10.68 -31.32
N ARG A 83 20.19 -10.04 -32.41
CA ARG A 83 19.67 -8.69 -32.30
C ARG A 83 18.33 -8.71 -31.60
N ALA A 84 17.49 -9.68 -31.94
CA ALA A 84 16.17 -9.77 -31.33
C ALA A 84 16.28 -10.09 -29.83
N ILE A 85 17.24 -10.92 -29.46
CA ILE A 85 17.49 -11.24 -28.06
C ILE A 85 17.87 -9.99 -27.28
N ILE A 86 18.92 -9.32 -27.75
CA ILE A 86 19.46 -8.13 -27.11
C ILE A 86 18.40 -7.04 -27.03
N LYS A 87 17.68 -6.84 -28.14
CA LYS A 87 16.74 -5.74 -28.22
C LYS A 87 15.57 -5.95 -27.29
N THR A 88 15.09 -7.19 -27.19
CA THR A 88 14.01 -7.53 -26.26
C THR A 88 14.42 -7.36 -24.81
N LEU A 89 15.62 -7.82 -24.47
CA LEU A 89 16.11 -7.75 -23.10
C LEU A 89 16.25 -6.33 -22.62
N LEU A 90 16.53 -5.41 -23.54
CA LEU A 90 16.83 -4.03 -23.15
C LEU A 90 15.75 -3.02 -23.56
N MET A 91 14.68 -3.51 -24.17
CA MET A 91 13.65 -2.61 -24.67
C MET A 91 13.04 -1.82 -23.52
N GLY A 92 12.76 -0.56 -23.77
CA GLY A 92 12.19 0.31 -22.77
C GLY A 92 10.72 0.05 -22.61
N ASP A 93 10.22 0.42 -21.45
CA ASP A 93 8.81 0.32 -21.13
C ASP A 93 8.05 1.46 -21.82
N ASP A 94 7.58 1.22 -23.04
CA ASP A 94 6.89 2.24 -23.85
C ASP A 94 5.73 1.72 -24.66
N PRO A 95 4.59 1.43 -24.00
CA PRO A 95 3.47 0.81 -24.73
C PRO A 95 2.91 1.74 -25.78
N SER A 96 2.93 3.03 -25.47
CA SER A 96 2.42 4.07 -26.36
C SER A 96 3.18 4.16 -27.69
N SER A 97 4.47 3.87 -27.69
CA SER A 97 5.26 4.03 -28.90
C SER A 97 5.31 2.82 -29.86
N VAL A 98 5.25 1.59 -29.36
CA VAL A 98 5.56 0.45 -30.25
C VAL A 98 4.33 -0.16 -30.89
N ASP A 99 4.47 -0.49 -32.18
CA ASP A 99 3.40 -1.16 -32.90
C ASP A 99 3.66 -2.67 -32.96
N LEU A 100 2.95 -3.44 -32.15
CA LEU A 100 3.13 -4.89 -32.13
C LEU A 100 2.47 -5.53 -33.37
N TYR A 101 1.82 -4.73 -34.19
CA TYR A 101 1.19 -5.18 -35.39
C TYR A 101 1.81 -4.56 -36.64
N SER A 102 3.05 -4.18 -36.50
CA SER A 102 3.89 -3.84 -37.63
C SER A 102 5.18 -4.64 -37.50
N ASP A 103 5.92 -4.78 -38.60
CA ASP A 103 7.25 -5.40 -38.57
C ASP A 103 8.34 -4.33 -38.48
N VAL A 104 7.94 -3.05 -38.38
CA VAL A 104 8.91 -1.97 -38.32
C VAL A 104 9.67 -2.02 -37.00
N ASP A 105 10.97 -1.76 -37.06
CA ASP A 105 11.82 -1.98 -35.91
C ASP A 105 11.86 -0.67 -35.13
N ASP A 106 11.11 -0.63 -34.05
CA ASP A 106 11.04 0.59 -33.27
C ASP A 106 12.34 0.78 -32.48
N ILE A 107 12.68 2.04 -32.22
CA ILE A 107 13.86 2.37 -31.47
C ILE A 107 13.38 2.28 -30.02
N THR A 108 13.83 1.29 -29.28
CA THR A 108 13.24 1.04 -27.95
C THR A 108 14.22 0.92 -26.78
N ILE A 109 15.53 1.03 -27.03
CA ILE A 109 16.51 0.75 -25.98
C ILE A 109 16.44 1.72 -24.81
N SER A 110 16.68 1.18 -23.62
CA SER A 110 16.49 1.94 -22.38
C SER A 110 17.48 1.64 -21.28
N LYS A 111 17.78 2.66 -20.47
CA LYS A 111 18.63 2.51 -19.29
C LYS A 111 17.89 1.71 -18.23
N GLU A 112 16.56 1.77 -18.23
CA GLU A 112 15.84 0.87 -17.35
C GLU A 112 14.88 0.02 -18.16
N PRO A 113 15.38 -1.12 -18.66
CA PRO A 113 14.57 -2.00 -19.51
C PRO A 113 13.33 -2.50 -18.80
N PHE A 114 12.32 -2.84 -19.59
CA PHE A 114 11.05 -3.29 -19.05
C PHE A 114 11.22 -4.60 -18.30
N LEU A 115 12.13 -5.44 -18.79
CA LEU A 115 12.32 -6.78 -18.26
C LEU A 115 13.32 -6.83 -17.12
N TYR A 116 13.78 -5.66 -16.70
CA TYR A 116 14.90 -5.59 -15.78
C TYR A 116 14.50 -6.13 -14.40
N GLY A 117 15.21 -7.16 -13.95
CA GLY A 117 14.87 -7.86 -12.73
C GLY A 117 13.89 -9.03 -12.94
N GLN A 118 13.21 -9.04 -14.07
CA GLN A 118 12.27 -10.12 -14.41
C GLN A 118 12.96 -11.26 -15.12
N VAL A 119 14.18 -11.01 -15.58
CA VAL A 119 14.98 -12.06 -16.19
C VAL A 119 16.45 -11.87 -15.73
N VAL A 120 17.14 -12.98 -15.51
CA VAL A 120 18.55 -12.87 -15.17
C VAL A 120 19.35 -13.65 -16.20
N ASP A 121 20.61 -13.28 -16.36
CA ASP A 121 21.45 -13.98 -17.30
C ASP A 121 22.08 -15.25 -16.70
N ASN A 122 22.96 -15.79 -17.50
CA ASN A 122 23.64 -17.04 -17.25
C ASN A 122 24.33 -17.06 -15.86
N THR A 123 24.81 -15.88 -15.45
CA THR A 123 25.38 -15.58 -14.12
C THR A 123 24.37 -15.44 -12.97
N GLY A 124 23.11 -15.22 -13.31
CA GLY A 124 22.13 -14.86 -12.30
C GLY A 124 22.09 -13.36 -12.08
N GLN A 125 22.55 -12.61 -13.08
CA GLN A 125 22.54 -11.15 -13.00
C GLN A 125 21.45 -10.53 -13.87
N PRO A 126 20.80 -9.47 -13.36
CA PRO A 126 19.84 -8.67 -14.14
C PRO A 126 20.57 -7.87 -15.22
N ILE A 127 19.85 -7.61 -16.31
CA ILE A 127 20.44 -7.09 -17.55
C ILE A 127 19.91 -5.70 -17.89
N ARG A 128 20.76 -4.68 -17.82
CA ARG A 128 20.31 -3.35 -18.23
C ARG A 128 21.22 -2.65 -19.23
N TRP A 129 22.18 -3.37 -19.77
CA TRP A 129 23.09 -2.80 -20.74
C TRP A 129 23.53 -3.82 -21.82
N GLU A 130 23.95 -3.32 -22.98
CA GLU A 130 24.25 -4.14 -24.17
C GLU A 130 25.33 -5.20 -24.00
N GLY A 131 26.33 -4.94 -23.16
CA GLY A 131 27.41 -5.89 -23.00
C GLY A 131 26.98 -7.19 -22.35
N ARG A 132 26.25 -7.10 -21.24
CA ARG A 132 25.75 -8.29 -20.56
C ARG A 132 24.70 -9.00 -21.40
N ALA A 133 23.88 -8.21 -22.08
CA ALA A 133 22.86 -8.77 -22.94
C ALA A 133 23.53 -9.54 -24.06
N SER A 134 24.56 -8.91 -24.63
CA SER A 134 25.30 -9.51 -25.74
C SER A 134 25.98 -10.81 -25.34
N ASN A 135 26.67 -10.84 -24.18
CA ASN A 135 27.31 -12.06 -23.67
C ASN A 135 26.27 -13.15 -23.38
N PHE A 136 25.14 -12.74 -22.84
CA PHE A 136 24.06 -13.67 -22.59
C PHE A 136 23.47 -14.21 -23.90
N ALA A 137 23.40 -13.38 -24.94
CA ALA A 137 22.95 -13.84 -26.25
C ALA A 137 23.89 -14.93 -26.85
N ASP A 138 25.20 -14.78 -26.65
CA ASP A 138 26.16 -15.79 -27.09
C ASP A 138 25.98 -17.11 -26.36
N TYR A 139 25.74 -17.03 -25.07
CA TYR A 139 25.54 -18.25 -24.30
C TYR A 139 24.33 -18.98 -24.83
N LEU A 140 23.24 -18.24 -25.04
CA LEU A 140 22.00 -18.88 -25.49
C LEU A 140 22.14 -19.47 -26.87
N LEU A 141 22.79 -18.75 -27.78
CA LEU A 141 23.04 -19.27 -29.12
C LEU A 141 24.00 -20.47 -29.15
N LYS A 142 25.04 -20.43 -28.33
CA LYS A 142 26.01 -21.52 -28.28
C LYS A 142 25.46 -22.74 -27.54
N ASN A 143 24.62 -22.50 -26.53
CA ASN A 143 24.26 -23.55 -25.58
C ASN A 143 22.77 -23.87 -25.39
N ARG A 144 21.88 -23.03 -25.93
CA ARG A 144 20.44 -23.28 -25.81
C ARG A 144 19.70 -23.19 -27.14
N LEU A 145 20.42 -23.29 -28.25
CA LEU A 145 19.84 -23.15 -29.58
C LEU A 145 19.05 -24.39 -29.98
N LYS A 146 17.80 -24.18 -30.38
CA LYS A 146 16.94 -25.26 -30.83
C LYS A 146 16.48 -25.05 -32.29
N SER A 147 16.03 -26.14 -32.91
CA SER A 147 15.57 -26.17 -34.30
C SER A 147 14.28 -26.94 -34.39
N ARG A 148 13.48 -26.57 -35.36
CA ARG A 148 12.30 -27.33 -35.71
C ARG A 148 11.85 -26.95 -37.09
N SER A 149 10.95 -27.70 -37.66
CA SER A 149 10.55 -27.41 -39.03
C SER A 149 9.11 -26.98 -39.22
N ASN A 150 8.92 -26.09 -40.16
CA ASN A 150 7.66 -25.73 -40.71
C ASN A 150 6.93 -26.82 -41.38
N GLY A 151 7.70 -27.74 -41.89
CA GLY A 151 7.30 -28.67 -42.93
C GLY A 151 7.99 -28.21 -44.21
N LEU A 152 8.49 -26.97 -44.21
CA LEU A 152 9.21 -26.43 -45.38
C LEU A 152 10.56 -25.77 -45.08
N ARG A 153 10.73 -25.25 -43.87
CA ARG A 153 11.86 -24.38 -43.49
C ARG A 153 12.19 -24.62 -42.03
N ILE A 154 13.40 -24.27 -41.64
CA ILE A 154 13.81 -24.48 -40.25
C ILE A 154 13.55 -23.21 -39.50
N ILE A 155 12.91 -23.35 -38.37
CA ILE A 155 12.78 -22.26 -37.44
C ILE A 155 13.80 -22.44 -36.34
N TYR A 156 14.63 -21.44 -36.11
CA TYR A 156 15.63 -21.51 -35.03
C TYR A 156 15.13 -20.68 -33.86
N SER A 157 15.32 -21.18 -32.64
CA SER A 157 14.89 -20.40 -31.48
C SER A 157 15.75 -20.62 -30.22
N VAL A 158 15.74 -19.62 -29.34
CA VAL A 158 16.18 -19.81 -27.95
C VAL A 158 15.04 -19.43 -27.02
N THR A 159 14.98 -20.09 -25.87
CA THR A 159 13.98 -19.79 -24.87
C THR A 159 14.66 -19.29 -23.59
N ILE A 160 14.11 -18.24 -23.01
CA ILE A 160 14.55 -17.77 -21.71
C ILE A 160 13.42 -17.83 -20.68
N ASN A 161 13.68 -18.51 -19.58
CA ASN A 161 12.75 -18.50 -18.46
C ASN A 161 12.98 -17.28 -17.57
N MET A 162 11.89 -16.61 -17.21
CA MET A 162 11.92 -15.43 -16.35
C MET A 162 12.07 -15.89 -14.90
N VAL A 163 12.35 -14.98 -13.98
CA VAL A 163 12.55 -15.35 -12.58
C VAL A 163 11.25 -15.92 -11.99
N PRO A 164 11.36 -16.77 -10.95
CA PRO A 164 10.14 -17.42 -10.42
C PRO A 164 9.04 -16.43 -10.00
N ASN A 165 9.43 -15.26 -9.49
CA ASN A 165 8.46 -14.26 -9.00
C ASN A 165 8.31 -13.10 -10.00
N HIS A 166 8.38 -13.44 -11.29
CA HIS A 166 8.35 -12.42 -12.33
C HIS A 166 7.03 -11.61 -12.27
N LEU A 167 5.96 -12.29 -11.91
CA LEU A 167 4.65 -11.65 -11.77
C LEU A 167 4.57 -10.65 -10.61
N ASP A 168 5.15 -11.01 -9.47
CA ASP A 168 5.14 -10.10 -8.34
C ASP A 168 5.92 -8.86 -8.69
N LYS A 169 7.01 -9.04 -9.41
CA LYS A 169 7.88 -7.94 -9.79
C LYS A 169 7.15 -6.99 -10.74
N ARG A 170 6.35 -7.54 -11.64
CA ARG A 170 5.57 -6.72 -12.56
C ARG A 170 4.48 -5.96 -11.82
N ALA A 171 3.78 -6.66 -10.93
CA ALA A 171 2.70 -6.06 -10.13
C ALA A 171 3.26 -4.97 -9.24
N HIS A 172 4.54 -5.07 -8.91
CA HIS A 172 5.22 -4.06 -8.09
C HIS A 172 5.27 -2.68 -8.77
N LYS A 173 5.36 -2.67 -10.10
CA LYS A 173 5.41 -1.40 -10.84
C LYS A 173 4.16 -0.53 -10.63
N TYR A 174 3.04 -1.18 -10.31
CA TYR A 174 1.74 -0.51 -10.41
C TYR A 174 1.01 -0.34 -9.08
N LEU A 175 1.67 -0.77 -8.00
CA LEU A 175 1.03 -0.79 -6.69
C LEU A 175 0.60 0.59 -6.24
N GLY A 176 1.44 1.58 -6.53
CA GLY A 176 1.10 2.95 -6.14
C GLY A 176 -0.12 3.47 -6.86
N MET A 177 -0.19 3.18 -8.14
CA MET A 177 -1.35 3.51 -8.98
C MET A 177 -2.62 2.82 -8.51
N VAL A 178 -2.48 1.56 -8.09
CA VAL A 178 -3.61 0.82 -7.54
C VAL A 178 -4.05 1.47 -6.22
N ARG A 179 -3.07 1.77 -5.36
CA ARG A 179 -3.30 2.41 -4.06
C ARG A 179 -4.13 3.67 -4.17
N GLN A 180 -3.73 4.56 -5.07
CA GLN A 180 -4.44 5.81 -5.33
C GLN A 180 -5.82 5.58 -5.87
N ALA A 181 -5.92 4.75 -6.90
CA ALA A 181 -7.21 4.45 -7.52
C ALA A 181 -8.18 3.90 -6.49
N SER A 182 -7.66 3.08 -5.58
CA SER A 182 -8.45 2.51 -4.50
C SER A 182 -8.99 3.57 -3.53
N ARG A 183 -8.17 4.56 -3.18
CA ARG A 183 -8.67 5.64 -2.33
C ARG A 183 -9.70 6.47 -3.04
N LYS A 184 -9.38 6.77 -4.29
CA LYS A 184 -10.12 7.70 -5.11
C LYS A 184 -11.55 7.25 -5.32
N TYR A 185 -11.76 5.96 -5.60
CA TYR A 185 -13.09 5.42 -5.94
C TYR A 185 -13.76 4.55 -4.86
N GLY A 186 -13.04 4.19 -3.78
CA GLY A 186 -13.61 3.26 -2.81
C GLY A 186 -13.68 1.81 -3.28
N VAL A 187 -12.69 1.39 -4.10
CA VAL A 187 -12.60 0.03 -4.62
C VAL A 187 -11.40 -0.69 -3.97
N ASP A 188 -11.58 -1.92 -3.47
CA ASP A 188 -10.49 -2.65 -2.79
C ASP A 188 -9.26 -2.85 -3.66
N GLU A 189 -8.08 -2.68 -3.07
CA GLU A 189 -6.83 -2.87 -3.79
C GLU A 189 -6.77 -4.29 -4.33
N SER A 190 -7.20 -5.25 -3.51
CA SER A 190 -7.15 -6.66 -3.88
C SER A 190 -8.02 -6.99 -5.08
N LEU A 191 -9.17 -6.35 -5.20
CA LEU A 191 -10.03 -6.58 -6.38
C LEU A 191 -9.34 -6.08 -7.65
N ILE A 192 -8.81 -4.86 -7.58
CA ILE A 192 -8.16 -4.22 -8.72
C ILE A 192 -7.01 -5.07 -9.22
N LEU A 193 -6.19 -5.55 -8.30
CA LEU A 193 -5.03 -6.37 -8.65
C LEU A 193 -5.46 -7.69 -9.27
N ALA A 194 -6.48 -8.32 -8.70
CA ALA A 194 -6.97 -9.60 -9.20
C ALA A 194 -7.47 -9.48 -10.64
N ILE A 195 -8.16 -8.39 -10.92
CA ILE A 195 -8.58 -8.13 -12.29
C ILE A 195 -7.41 -7.86 -13.23
N MET A 196 -6.46 -6.97 -12.89
CA MET A 196 -5.38 -6.73 -13.86
C MET A 196 -4.51 -8.00 -14.00
N GLN A 197 -4.30 -8.73 -12.92
CA GLN A 197 -3.55 -9.98 -13.04
C GLN A 197 -4.24 -11.03 -13.93
N THR A 198 -5.54 -11.09 -13.88
CA THR A 198 -6.28 -12.04 -14.65
C THR A 198 -6.47 -11.58 -16.08
N GLN A 199 -6.70 -10.31 -16.27
CA GLN A 199 -6.84 -9.72 -17.58
C GLN A 199 -5.54 -9.67 -18.41
N SER A 200 -4.45 -9.20 -17.81
CA SER A 200 -3.26 -8.91 -18.59
C SER A 200 -1.96 -9.52 -18.04
N SER A 201 -2.02 -10.08 -16.82
CA SER A 201 -0.81 -10.50 -16.11
C SER A 201 0.17 -9.32 -16.01
N PHE A 202 -0.38 -8.14 -15.75
CA PHE A 202 0.38 -6.92 -15.62
C PHE A 202 1.25 -6.65 -16.86
N ASN A 203 0.64 -6.77 -18.04
CA ASN A 203 1.32 -6.51 -19.31
C ASN A 203 0.87 -5.15 -19.86
N PRO A 204 1.81 -4.19 -19.89
CA PRO A 204 1.45 -2.83 -20.30
C PRO A 204 1.13 -2.75 -21.79
N TYR A 205 1.49 -3.78 -22.55
CA TYR A 205 1.28 -3.81 -24.00
C TYR A 205 0.02 -4.60 -24.36
N ALA A 206 -0.79 -4.94 -23.37
CA ALA A 206 -1.90 -5.87 -23.56
C ALA A 206 -2.96 -5.35 -24.56
N VAL A 207 -3.29 -6.20 -25.52
CA VAL A 207 -4.34 -5.94 -26.47
C VAL A 207 -5.07 -7.21 -26.75
N SER A 208 -6.38 -7.15 -26.69
CA SER A 208 -7.22 -8.28 -27.00
C SER A 208 -7.91 -8.21 -28.34
N ARG A 209 -8.37 -9.37 -28.77
CA ARG A 209 -9.15 -9.53 -29.98
C ARG A 209 -10.46 -8.84 -29.95
N SER A 210 -10.87 -8.44 -28.78
CA SER A 210 -12.14 -7.79 -28.65
C SER A 210 -11.99 -6.35 -28.29
N ASP A 211 -10.79 -5.84 -28.51
CA ASP A 211 -10.44 -4.44 -28.38
C ASP A 211 -10.09 -3.97 -26.97
N ALA A 212 -9.83 -4.87 -26.04
CA ALA A 212 -9.51 -4.48 -24.68
C ALA A 212 -8.09 -3.98 -24.64
N LEU A 213 -7.92 -2.87 -23.98
CA LEU A 213 -6.65 -2.17 -24.02
C LEU A 213 -5.97 -2.06 -22.66
N GLY A 214 -4.70 -2.43 -22.58
CA GLY A 214 -3.90 -2.14 -21.39
C GLY A 214 -4.00 -3.07 -20.20
N LEU A 215 -3.52 -2.57 -19.07
CA LEU A 215 -3.33 -3.39 -17.86
C LEU A 215 -4.65 -3.96 -17.33
N MET A 216 -5.69 -3.20 -17.39
CA MET A 216 -6.96 -3.60 -16.88
C MET A 216 -7.91 -3.92 -18.00
N GLN A 217 -7.32 -3.82 -19.18
CA GLN A 217 -8.02 -4.25 -20.37
C GLN A 217 -9.35 -3.57 -20.55
N VAL A 218 -9.36 -2.36 -20.85
CA VAL A 218 -10.49 -1.52 -21.03
C VAL A 218 -10.90 -1.41 -22.48
N VAL A 219 -12.17 -1.60 -22.76
CA VAL A 219 -12.71 -1.35 -24.05
C VAL A 219 -13.12 0.11 -24.07
N GLN A 220 -12.73 0.82 -25.10
CA GLN A 220 -12.96 2.25 -25.17
C GLN A 220 -14.44 2.63 -25.26
N HIS A 221 -15.20 1.95 -26.15
CA HIS A 221 -16.57 2.35 -26.47
C HIS A 221 -17.65 1.94 -25.46
N THR A 222 -17.37 0.94 -24.64
CA THR A 222 -18.32 0.50 -23.62
C THR A 222 -18.01 1.08 -22.25
N ALA A 223 -17.06 0.44 -21.55
CA ALA A 223 -16.68 0.84 -20.20
C ALA A 223 -15.99 2.20 -20.17
N GLY A 224 -15.08 2.42 -21.11
CA GLY A 224 -14.32 3.64 -21.18
C GLY A 224 -15.24 4.82 -21.37
N LYS A 225 -16.25 4.64 -22.20
CA LYS A 225 -17.22 5.70 -22.46
C LYS A 225 -18.04 6.01 -21.21
N ASP A 226 -18.59 4.96 -20.61
CA ASP A 226 -19.39 5.06 -19.38
C ASP A 226 -18.67 5.72 -18.21
N VAL A 227 -17.37 5.49 -18.10
CA VAL A 227 -16.63 6.06 -16.99
C VAL A 227 -16.47 7.54 -17.26
N PHE A 228 -16.22 7.88 -18.52
CA PHE A 228 -16.14 9.29 -18.94
C PHE A 228 -17.44 10.07 -18.66
N ARG A 229 -18.58 9.40 -18.69
CA ARG A 229 -19.84 10.06 -18.37
C ARG A 229 -19.92 10.50 -16.91
N SER A 230 -19.64 9.56 -16.00
CA SER A 230 -19.60 9.84 -14.56
C SER A 230 -18.61 10.94 -14.19
N GLN A 231 -17.55 11.04 -14.96
CA GLN A 231 -16.47 11.95 -14.63
C GLN A 231 -16.76 13.28 -15.33
N GLY A 232 -17.97 13.38 -15.90
CA GLY A 232 -18.45 14.61 -16.50
C GLY A 232 -17.87 14.93 -17.85
N LYS A 233 -17.31 13.92 -18.51
CA LYS A 233 -16.80 14.07 -19.87
C LYS A 233 -17.75 13.53 -20.94
N SER A 234 -17.50 13.95 -22.17
CA SER A 234 -18.25 13.49 -23.32
C SER A 234 -17.24 12.85 -24.28
N GLY A 235 -17.69 11.90 -25.09
CA GLY A 235 -16.74 11.18 -25.91
C GLY A 235 -16.14 9.94 -25.27
N THR A 236 -14.90 9.65 -25.66
CA THR A 236 -14.28 8.36 -25.43
C THR A 236 -12.82 8.44 -25.03
N PRO A 237 -12.36 7.58 -24.09
CA PRO A 237 -10.92 7.53 -23.83
C PRO A 237 -10.10 7.07 -25.05
N SER A 238 -9.00 7.76 -25.30
CA SER A 238 -8.19 7.44 -26.45
C SER A 238 -7.28 6.24 -26.15
N ARG A 239 -6.76 5.65 -27.20
CA ARG A 239 -5.85 4.56 -27.13
C ARG A 239 -4.62 4.94 -26.35
N SER A 240 -4.16 6.15 -26.54
CA SER A 240 -2.92 6.61 -25.95
C SER A 240 -3.12 6.92 -24.46
N PHE A 241 -4.35 7.30 -24.11
CA PHE A 241 -4.72 7.55 -22.72
C PHE A 241 -4.75 6.21 -21.94
N LEU A 242 -5.20 5.15 -22.61
CA LEU A 242 -5.35 3.84 -21.99
C LEU A 242 -4.06 3.03 -22.00
N PHE A 243 -3.05 3.47 -22.74
CA PHE A 243 -1.78 2.76 -22.65
C PHE A 243 -0.86 3.44 -21.65
N ASP A 244 -1.37 4.48 -21.01
CA ASP A 244 -0.73 5.04 -19.84
C ASP A 244 -1.23 4.31 -18.61
N PRO A 245 -0.33 3.62 -17.92
CA PRO A 245 -0.78 2.70 -16.87
C PRO A 245 -1.65 3.34 -15.76
N ALA A 246 -1.26 4.52 -15.25
CA ALA A 246 -2.04 5.15 -14.20
C ALA A 246 -3.44 5.53 -14.67
N SER A 247 -3.54 6.02 -15.91
CA SER A 247 -4.84 6.34 -16.50
C SER A 247 -5.66 5.08 -16.72
N ASN A 248 -5.01 4.05 -17.24
CA ASN A 248 -5.71 2.79 -17.48
C ASN A 248 -6.27 2.21 -16.18
N ILE A 249 -5.43 2.18 -15.15
CA ILE A 249 -5.78 1.66 -13.85
C ILE A 249 -6.85 2.53 -13.16
N ASP A 250 -6.83 3.84 -13.42
CA ASP A 250 -7.84 4.73 -12.87
C ASP A 250 -9.18 4.52 -13.58
N THR A 251 -9.12 4.28 -14.89
CA THR A 251 -10.33 4.07 -15.68
C THR A 251 -11.00 2.76 -15.34
N GLY A 252 -10.18 1.70 -15.20
CA GLY A 252 -10.69 0.39 -14.88
C GLY A 252 -11.28 0.31 -13.49
N THR A 253 -10.64 0.99 -12.55
CA THR A 253 -11.16 1.05 -11.18
C THR A 253 -12.47 1.83 -11.08
N ALA A 254 -12.60 2.90 -11.86
CA ALA A 254 -13.86 3.64 -11.92
C ALA A 254 -15.01 2.77 -12.43
N TYR A 255 -14.76 1.97 -13.46
CA TYR A 255 -15.80 1.07 -13.98
C TYR A 255 -16.24 0.04 -12.93
N LEU A 256 -15.31 -0.45 -12.12
CA LEU A 256 -15.67 -1.32 -11.00
C LEU A 256 -16.57 -0.59 -9.98
N ALA A 257 -16.23 0.66 -9.67
CA ALA A 257 -17.05 1.48 -8.77
C ALA A 257 -18.42 1.75 -9.40
N MET A 258 -18.42 2.13 -10.68
CA MET A 258 -19.66 2.32 -11.44
C MET A 258 -20.56 1.09 -11.54
N LEU A 259 -19.98 -0.07 -11.84
CA LEU A 259 -20.76 -1.29 -11.90
C LEU A 259 -21.39 -1.61 -10.56
N ASN A 260 -20.64 -1.36 -9.48
CA ASN A 260 -21.14 -1.62 -8.14
C ASN A 260 -22.27 -0.69 -7.69
N ASN A 261 -22.03 0.62 -7.85
CA ASN A 261 -22.93 1.70 -7.47
C ASN A 261 -24.19 1.92 -8.30
N VAL A 262 -24.05 1.78 -9.61
CA VAL A 262 -25.08 2.20 -10.52
C VAL A 262 -25.73 1.01 -11.19
N TYR A 263 -24.95 0.27 -11.97
CA TYR A 263 -25.49 -0.82 -12.80
C TYR A 263 -26.02 -2.01 -12.01
N LEU A 264 -25.25 -2.45 -11.03
CA LEU A 264 -25.60 -3.63 -10.25
C LEU A 264 -26.01 -3.20 -8.85
N GLY A 265 -26.43 -1.95 -8.72
CA GLY A 265 -26.75 -1.32 -7.45
C GLY A 265 -27.98 -1.90 -6.77
N GLY A 266 -28.80 -2.59 -7.53
CA GLY A 266 -29.99 -3.19 -6.95
C GLY A 266 -29.73 -4.52 -6.26
N ILE A 267 -28.50 -5.02 -6.35
CA ILE A 267 -28.15 -6.23 -5.62
C ILE A 267 -27.77 -5.82 -4.22
N ASP A 268 -28.44 -6.43 -3.23
CA ASP A 268 -28.31 -5.99 -1.85
C ASP A 268 -27.12 -6.61 -1.15
N ASN A 269 -27.00 -7.93 -1.23
CA ASN A 269 -25.87 -8.56 -0.56
C ASN A 269 -24.56 -8.12 -1.23
N PRO A 270 -23.66 -7.52 -0.45
CA PRO A 270 -22.44 -6.95 -1.03
C PRO A 270 -21.52 -8.01 -1.65
N THR A 271 -21.44 -9.18 -1.08
CA THR A 271 -20.69 -10.27 -1.66
C THR A 271 -21.33 -10.86 -2.93
N SER A 272 -22.65 -10.90 -2.97
CA SER A 272 -23.31 -11.28 -4.21
C SER A 272 -23.04 -10.26 -5.28
N ARG A 273 -23.11 -8.99 -4.90
CA ARG A 273 -22.92 -7.89 -5.83
C ARG A 273 -21.48 -7.90 -6.35
N ARG A 274 -20.55 -8.36 -5.53
CA ARG A 274 -19.14 -8.45 -5.93
C ARG A 274 -18.98 -9.50 -7.03
N TYR A 275 -19.67 -10.63 -6.89
CA TYR A 275 -19.66 -11.67 -7.90
C TYR A 275 -20.24 -11.15 -9.20
N ALA A 276 -21.34 -10.42 -9.10
CA ALA A 276 -22.01 -9.85 -10.27
C ALA A 276 -21.13 -8.81 -10.94
N VAL A 277 -20.48 -7.97 -10.14
CA VAL A 277 -19.56 -6.97 -10.66
C VAL A 277 -18.33 -7.62 -11.35
N ILE A 278 -17.75 -8.68 -10.76
CA ILE A 278 -16.59 -9.35 -11.40
C ILE A 278 -16.95 -9.95 -12.77
N THR A 279 -18.09 -10.63 -12.82
CA THR A 279 -18.59 -11.17 -14.08
C THR A 279 -18.93 -10.05 -15.07
N ALA A 280 -19.54 -8.98 -14.58
CA ALA A 280 -20.00 -7.91 -15.45
C ALA A 280 -18.83 -7.14 -16.09
N TYR A 281 -17.70 -7.04 -15.41
CA TYR A 281 -16.57 -6.29 -15.86
C TYR A 281 -16.16 -6.84 -17.21
N ASN A 282 -16.28 -8.14 -17.28
CA ASN A 282 -15.91 -8.93 -18.41
C ASN A 282 -16.95 -9.08 -19.46
N GLY A 283 -18.15 -9.44 -19.06
CA GLY A 283 -19.25 -9.69 -19.97
C GLY A 283 -20.35 -8.65 -20.13
N GLY A 284 -20.29 -7.54 -19.38
CA GLY A 284 -21.34 -6.54 -19.40
C GLY A 284 -22.37 -6.77 -18.29
N ALA A 285 -22.87 -5.70 -17.68
CA ALA A 285 -23.82 -5.82 -16.58
C ALA A 285 -25.16 -6.48 -17.01
N GLY A 286 -25.63 -6.17 -18.21
CA GLY A 286 -26.85 -6.76 -18.73
C GLY A 286 -26.80 -8.28 -18.87
N SER A 287 -25.70 -8.80 -19.39
CA SER A 287 -25.56 -10.25 -19.58
C SER A 287 -25.61 -10.98 -18.23
N VAL A 288 -25.03 -10.36 -17.21
CA VAL A 288 -25.06 -10.89 -15.85
C VAL A 288 -26.45 -10.91 -15.26
N LEU A 289 -27.21 -9.84 -15.48
CA LEU A 289 -28.57 -9.78 -14.96
C LEU A 289 -29.48 -10.70 -15.74
N ARG A 290 -29.24 -10.79 -17.04
CA ARG A 290 -30.11 -11.60 -17.89
C ARG A 290 -30.00 -13.08 -17.55
N VAL A 291 -28.93 -13.47 -16.87
CA VAL A 291 -28.82 -14.84 -16.43
C VAL A 291 -30.00 -15.21 -15.52
N PHE A 292 -30.55 -14.21 -14.84
CA PHE A 292 -31.61 -14.43 -13.87
C PHE A 292 -32.97 -14.03 -14.37
N SER A 293 -33.04 -13.00 -15.20
CA SER A 293 -34.31 -12.59 -15.79
C SER A 293 -34.08 -11.56 -16.86
N ASN A 294 -35.00 -11.47 -17.80
CA ASN A 294 -34.91 -10.49 -18.89
C ASN A 294 -35.30 -9.11 -18.39
N ASP A 295 -35.85 -9.07 -17.18
CA ASP A 295 -36.25 -7.81 -16.59
C ASP A 295 -35.28 -7.43 -15.49
N LYS A 296 -34.47 -6.42 -15.77
CA LYS A 296 -33.39 -6.00 -14.89
C LYS A 296 -33.78 -5.86 -13.43
N ILE A 297 -34.96 -5.30 -13.17
CA ILE A 297 -35.41 -5.26 -11.80
C ILE A 297 -35.76 -6.65 -11.32
N GLN A 298 -36.48 -7.43 -12.11
CA GLN A 298 -36.87 -8.76 -11.67
C GLN A 298 -35.63 -9.66 -11.46
N ALA A 299 -34.60 -9.43 -12.28
CA ALA A 299 -33.32 -10.13 -12.13
C ALA A 299 -32.62 -9.84 -10.81
N ALA A 300 -32.59 -8.58 -10.40
CA ALA A 300 -31.99 -8.22 -9.14
C ALA A 300 -32.82 -8.79 -7.98
N ASN A 301 -34.15 -8.76 -8.13
CA ASN A 301 -35.04 -9.29 -7.10
C ASN A 301 -34.81 -10.79 -6.89
N ILE A 302 -34.54 -11.48 -7.99
CA ILE A 302 -34.24 -12.90 -7.93
C ILE A 302 -32.90 -13.15 -7.25
N ILE A 303 -31.89 -12.34 -7.60
CA ILE A 303 -30.60 -12.45 -6.95
C ILE A 303 -30.75 -12.20 -5.44
N ASN A 304 -31.61 -11.26 -5.07
CA ASN A 304 -31.83 -10.95 -3.66
C ASN A 304 -32.53 -12.07 -2.83
N THR A 305 -33.10 -13.09 -3.50
CA THR A 305 -33.70 -14.24 -2.80
C THR A 305 -32.72 -15.42 -2.66
N MET A 306 -31.49 -15.22 -3.12
CA MET A 306 -30.47 -16.27 -3.13
C MET A 306 -29.34 -16.01 -2.14
N THR A 307 -28.61 -17.06 -1.79
CA THR A 307 -27.36 -16.94 -1.05
C THR A 307 -26.21 -16.54 -2.00
N PRO A 308 -25.19 -15.87 -1.47
CA PRO A 308 -24.04 -15.46 -2.29
C PRO A 308 -23.33 -16.64 -2.93
N GLY A 309 -23.22 -17.76 -2.23
CA GLY A 309 -22.63 -18.95 -2.80
C GLY A 309 -23.44 -19.48 -3.98
N ASP A 310 -24.76 -19.28 -3.95
CA ASP A 310 -25.63 -19.73 -5.02
C ASP A 310 -25.52 -18.83 -6.23
N VAL A 311 -25.40 -17.53 -5.97
CA VAL A 311 -25.19 -16.55 -7.03
C VAL A 311 -23.88 -16.91 -7.74
N TYR A 312 -22.86 -17.19 -6.93
CA TYR A 312 -21.55 -17.57 -7.44
C TYR A 312 -21.67 -18.80 -8.30
N GLN A 313 -22.43 -19.78 -7.81
CA GLN A 313 -22.58 -21.06 -8.47
C GLN A 313 -23.35 -20.95 -9.79
N THR A 314 -24.39 -20.11 -9.80
CA THR A 314 -25.17 -19.82 -10.99
C THR A 314 -24.35 -19.14 -12.11
N LEU A 315 -23.60 -18.11 -11.73
CA LEU A 315 -22.76 -17.40 -12.67
C LEU A 315 -21.63 -18.26 -13.23
N THR A 316 -21.00 -19.07 -12.39
CA THR A 316 -19.90 -19.93 -12.84
C THR A 316 -20.35 -21.16 -13.63
N THR A 317 -21.65 -21.44 -13.67
CA THR A 317 -22.08 -22.62 -14.43
C THR A 317 -23.10 -22.28 -15.51
N ARG A 318 -23.85 -21.19 -15.33
CA ARG A 318 -24.90 -20.85 -16.29
C ARG A 318 -24.77 -19.48 -16.99
N HIS A 319 -23.65 -18.80 -16.87
CA HIS A 319 -23.47 -17.60 -17.67
C HIS A 319 -23.30 -18.12 -19.10
N PRO A 320 -23.76 -17.35 -20.10
CA PRO A 320 -23.69 -17.79 -21.51
C PRO A 320 -22.24 -18.04 -21.95
N SER A 321 -21.40 -17.05 -21.68
CA SER A 321 -19.99 -17.01 -22.09
C SER A 321 -19.04 -17.86 -21.22
N ALA A 322 -18.29 -18.76 -21.86
CA ALA A 322 -17.33 -19.61 -21.14
C ALA A 322 -16.19 -18.80 -20.54
N GLU A 323 -15.90 -17.69 -21.17
CA GLU A 323 -14.91 -16.75 -20.72
C GLU A 323 -15.29 -16.06 -19.43
N SER A 324 -16.47 -15.48 -19.43
CA SER A 324 -16.99 -14.79 -18.25
C SER A 324 -17.20 -15.76 -17.11
N ARG A 325 -17.50 -16.99 -17.43
CA ARG A 325 -17.68 -17.99 -16.42
C ARG A 325 -16.39 -18.37 -15.78
N ARG A 326 -15.40 -18.63 -16.61
CA ARG A 326 -14.07 -18.91 -16.10
C ARG A 326 -13.47 -17.72 -15.34
N TYR A 327 -13.83 -16.53 -15.81
CA TYR A 327 -13.32 -15.27 -15.26
C TYR A 327 -13.68 -15.14 -13.79
N LEU A 328 -14.94 -15.43 -13.46
CA LEU A 328 -15.40 -15.26 -12.08
C LEU A 328 -14.59 -16.11 -11.14
N TYR A 329 -14.39 -17.35 -11.52
CA TYR A 329 -13.61 -18.26 -10.70
C TYR A 329 -12.17 -17.75 -10.52
N LYS A 330 -11.54 -17.31 -11.60
CA LYS A 330 -10.13 -16.94 -11.59
C LYS A 330 -9.86 -15.64 -10.80
N VAL A 331 -10.76 -14.67 -10.91
CA VAL A 331 -10.63 -13.42 -10.13
C VAL A 331 -10.89 -13.66 -8.63
N ASN A 332 -11.89 -14.46 -8.33
CA ASN A 332 -12.23 -14.76 -6.95
C ASN A 332 -11.07 -15.45 -6.23
N THR A 333 -10.47 -16.45 -6.87
CA THR A 333 -9.31 -17.13 -6.33
C THR A 333 -8.14 -16.18 -6.15
N ALA A 334 -7.89 -15.37 -7.17
CA ALA A 334 -6.81 -14.39 -7.13
C ALA A 334 -7.00 -13.36 -6.05
N GLN A 335 -8.24 -12.87 -5.88
CA GLN A 335 -8.48 -11.79 -4.92
C GLN A 335 -8.14 -12.19 -3.47
N LYS A 336 -8.27 -13.49 -3.17
CA LYS A 336 -7.88 -14.03 -1.88
C LYS A 336 -6.42 -13.76 -1.56
N SER A 337 -5.57 -14.00 -2.55
CA SER A 337 -4.13 -13.84 -2.40
C SER A 337 -3.71 -12.39 -2.20
N TYR A 338 -4.47 -11.45 -2.73
CA TYR A 338 -4.14 -10.03 -2.59
C TYR A 338 -4.78 -9.37 -1.38
N ARG A 339 -5.69 -10.09 -0.74
CA ARG A 339 -6.57 -9.50 0.27
C ARG A 339 -5.81 -9.20 1.57
N ARG A 340 -4.96 -10.12 1.98
CA ARG A 340 -4.11 -9.91 3.15
C ARG A 340 -3.01 -8.86 2.88
N ARG A 341 -2.57 -8.19 3.93
CA ARG A 341 -1.54 -7.16 3.80
C ARG A 341 -1.51 -6.25 5.03
N ASP B 15 23.84 12.49 31.98
CA ASP B 15 23.25 12.74 30.68
C ASP B 15 21.82 12.23 30.67
N THR B 16 21.63 10.94 30.94
CA THR B 16 20.29 10.45 31.14
C THR B 16 19.85 10.99 32.49
N ASN B 17 20.81 11.03 33.41
CA ASN B 17 20.59 11.54 34.75
C ASN B 17 20.31 13.03 34.72
N GLY B 18 20.99 13.72 33.81
CA GLY B 18 20.79 15.14 33.60
C GLY B 18 19.36 15.37 33.13
N PHE B 19 18.87 14.46 32.29
CA PHE B 19 17.49 14.51 31.86
C PHE B 19 16.50 14.24 32.98
N ASP B 20 16.85 13.30 33.87
CA ASP B 20 15.96 12.96 34.96
C ASP B 20 15.76 14.14 35.92
N ILE B 21 16.82 14.93 36.12
CA ILE B 21 16.79 16.09 37.01
C ILE B 21 15.88 17.15 36.42
N LEU B 22 15.99 17.41 35.12
CA LEU B 22 15.12 18.39 34.47
C LEU B 22 13.66 17.95 34.53
N MET B 23 13.43 16.66 34.38
CA MET B 23 12.08 16.14 34.49
C MET B 23 11.49 16.36 35.88
N GLY B 24 12.31 16.18 36.91
CA GLY B 24 11.91 16.48 38.27
C GLY B 24 11.61 17.96 38.45
N GLN B 25 12.48 18.80 37.90
CA GLN B 25 12.31 20.25 37.95
C GLN B 25 11.09 20.73 37.18
N PHE B 26 10.85 20.13 36.01
CA PHE B 26 9.69 20.49 35.21
C PHE B 26 8.37 20.14 35.92
N ALA B 27 8.25 18.90 36.37
CA ALA B 27 7.05 18.46 37.06
C ALA B 27 6.80 19.24 38.35
N HIS B 28 7.86 19.60 39.07
CA HIS B 28 7.71 20.42 40.27
C HIS B 28 7.23 21.84 39.97
N ASN B 29 7.83 22.46 38.97
CA ASN B 29 7.39 23.75 38.60
C ASN B 29 5.89 23.80 38.32
N ILE B 30 5.37 22.88 37.52
CA ILE B 30 3.96 22.87 37.20
C ILE B 30 3.16 22.69 38.46
N GLU B 31 3.72 21.89 39.36
CA GLU B 31 3.04 21.53 40.61
C GLU B 31 2.91 22.73 41.55
N ASN B 32 3.75 23.75 41.35
CA ASN B 32 3.70 24.89 42.21
C ASN B 32 2.57 25.82 41.86
N ILE B 33 2.20 25.76 40.60
CA ILE B 33 1.20 26.60 40.01
C ILE B 33 -0.20 25.99 39.95
N TRP B 34 -0.31 24.75 39.52
CA TRP B 34 -1.58 24.17 39.22
C TRP B 34 -2.10 23.32 40.31
N GLY B 35 -1.28 22.97 41.26
CA GLY B 35 -1.70 22.05 42.29
C GLY B 35 -1.44 20.62 41.90
N PHE B 36 -1.14 19.78 42.86
CA PHE B 36 -0.69 18.45 42.52
C PHE B 36 -1.60 17.71 41.55
N LYS B 37 -2.89 17.88 41.71
CA LYS B 37 -3.93 17.17 40.96
C LYS B 37 -4.13 17.79 39.58
N GLU B 38 -3.29 18.74 39.21
CA GLU B 38 -3.40 19.40 37.93
C GLU B 38 -2.17 19.20 37.13
N VAL B 39 -1.29 18.34 37.57
CA VAL B 39 -0.02 18.15 36.89
C VAL B 39 -0.24 17.28 35.64
N VAL B 40 -0.25 17.94 34.48
CA VAL B 40 -0.49 17.27 33.20
C VAL B 40 0.80 17.33 32.41
N ILE B 41 1.28 16.15 32.03
CA ILE B 41 2.58 16.01 31.39
C ILE B 41 2.41 15.30 30.05
N ALA B 42 3.22 15.70 29.09
CA ALA B 42 3.17 15.12 27.75
C ALA B 42 3.46 13.62 27.82
N GLY B 43 2.73 12.85 27.03
CA GLY B 43 2.84 11.39 27.01
C GLY B 43 2.94 10.86 25.57
N PRO B 44 2.89 9.56 25.43
CA PRO B 44 2.96 8.92 24.14
C PRO B 44 1.76 9.23 23.26
N LYS B 45 0.59 9.42 23.83
CA LYS B 45 -0.54 9.78 23.04
C LYS B 45 -1.05 11.15 23.35
N ASP B 46 -0.33 11.90 24.13
CA ASP B 46 -0.77 13.24 24.54
C ASP B 46 0.36 14.25 24.43
N TYR B 47 0.24 15.12 23.44
CA TYR B 47 1.12 16.27 23.32
C TYR B 47 0.71 17.32 24.35
N VAL B 48 1.62 17.72 25.25
CA VAL B 48 1.37 18.82 26.18
C VAL B 48 2.54 19.82 26.21
N LYS B 49 2.21 21.10 25.98
CA LYS B 49 3.20 22.18 25.96
C LYS B 49 2.88 23.35 26.89
N TYR B 50 3.71 23.58 27.89
CA TYR B 50 3.53 24.68 28.79
C TYR B 50 4.27 25.92 28.27
N THR B 51 3.67 27.10 28.36
CA THR B 51 4.29 28.38 28.03
C THR B 51 3.90 29.40 29.09
N ASP B 52 4.28 30.66 28.87
CA ASP B 52 3.91 31.76 29.77
C ASP B 52 4.33 31.48 31.18
N GLN B 53 5.54 30.95 31.31
CA GLN B 53 6.05 30.55 32.60
C GLN B 53 5.13 29.64 33.37
N TYR B 54 4.54 28.67 32.68
CA TYR B 54 3.74 27.61 33.30
C TYR B 54 2.29 27.96 33.60
N GLN B 55 1.85 29.13 33.16
CA GLN B 55 0.46 29.54 33.35
C GLN B 55 -0.44 29.06 32.22
N THR B 56 0.14 28.85 31.04
CA THR B 56 -0.58 28.41 29.86
C THR B 56 -0.15 27.04 29.35
N ARG B 57 -1.09 26.13 29.13
CA ARG B 57 -0.74 24.86 28.49
C ARG B 57 -1.63 24.50 27.28
N SER B 58 -1.04 23.87 26.26
CA SER B 58 -1.79 23.38 25.11
C SER B 58 -1.75 21.86 25.13
N HIS B 59 -2.90 21.21 25.12
CA HIS B 59 -2.92 19.76 25.24
C HIS B 59 -3.59 19.14 24.03
N ILE B 60 -2.83 18.37 23.24
CA ILE B 60 -3.47 17.55 22.21
C ILE B 60 -3.62 16.09 22.65
N ASN B 61 -4.86 15.66 22.82
CA ASN B 61 -5.14 14.26 23.11
C ASN B 61 -5.40 13.55 21.79
N PHE B 62 -4.41 12.80 21.33
CA PHE B 62 -4.49 12.12 20.05
C PHE B 62 -5.44 10.90 20.00
N ASP B 63 -5.66 10.22 21.11
CA ASP B 63 -6.66 9.15 21.09
C ASP B 63 -8.06 9.71 20.92
N ASP B 64 -8.39 10.74 21.69
CA ASP B 64 -9.74 11.28 21.71
C ASP B 64 -10.01 12.34 20.63
N GLY B 65 -8.98 12.81 19.95
CA GLY B 65 -9.15 13.87 18.97
C GLY B 65 -9.57 15.20 19.56
N THR B 66 -8.97 15.57 20.68
CA THR B 66 -9.31 16.86 21.25
C THR B 66 -8.07 17.68 21.51
N ILE B 67 -8.23 18.99 21.37
CA ILE B 67 -7.22 19.97 21.68
C ILE B 67 -7.74 20.86 22.80
N THR B 68 -7.08 20.85 23.96
CA THR B 68 -7.54 21.70 25.06
C THR B 68 -6.48 22.73 25.43
N ILE B 69 -6.87 24.01 25.39
CA ILE B 69 -5.94 25.10 25.70
C ILE B 69 -6.38 25.75 27.01
N GLU B 70 -5.51 25.69 28.00
CA GLU B 70 -5.84 26.09 29.34
C GLU B 70 -4.94 27.15 29.88
N THR B 71 -5.47 27.93 30.80
CA THR B 71 -4.68 28.87 31.56
C THR B 71 -5.17 29.11 32.96
N ILE B 72 -4.24 29.36 33.86
CA ILE B 72 -4.59 29.79 35.19
C ILE B 72 -4.01 31.14 35.52
N ALA B 73 -3.45 31.80 34.53
CA ALA B 73 -3.11 33.19 34.68
C ALA B 73 -4.32 33.96 35.26
N GLY B 74 -4.16 34.63 36.39
CA GLY B 74 -5.27 35.36 36.99
C GLY B 74 -5.49 36.71 36.33
N THR B 75 -4.48 37.15 35.60
CA THR B 75 -4.47 38.38 34.84
C THR B 75 -4.58 38.09 33.33
N GLU B 76 -5.45 38.81 32.62
CA GLU B 76 -5.62 38.70 31.17
C GLU B 76 -5.72 37.28 30.58
N PRO B 77 -6.67 36.46 31.08
CA PRO B 77 -6.67 35.03 30.69
C PRO B 77 -6.93 34.77 29.20
N ALA B 78 -7.91 35.46 28.61
CA ALA B 78 -8.25 35.26 27.22
C ALA B 78 -7.08 35.58 26.29
N ALA B 79 -6.28 36.57 26.67
CA ALA B 79 -5.12 36.96 25.88
C ALA B 79 -4.04 35.87 25.89
N HIS B 80 -3.90 35.16 27.00
CA HIS B 80 -2.96 34.06 27.05
C HIS B 80 -3.40 32.92 26.15
N LEU B 81 -4.68 32.61 26.25
CA LEU B 81 -5.30 31.53 25.50
C LEU B 81 -5.23 31.79 24.01
N ARG B 82 -5.48 33.03 23.60
CA ARG B 82 -5.49 33.40 22.18
C ARG B 82 -4.19 33.02 21.47
N ARG B 83 -3.07 33.39 22.09
CA ARG B 83 -1.76 33.15 21.49
C ARG B 83 -1.44 31.65 21.41
N ALA B 84 -1.76 30.92 22.46
CA ALA B 84 -1.47 29.49 22.47
C ALA B 84 -2.30 28.77 21.41
N ILE B 85 -3.53 29.23 21.19
CA ILE B 85 -4.38 28.63 20.14
C ILE B 85 -3.80 28.81 18.75
N ILE B 86 -3.47 30.04 18.37
CA ILE B 86 -3.03 30.32 17.00
C ILE B 86 -1.77 29.53 16.67
N LYS B 87 -0.80 29.52 17.59
CA LYS B 87 0.45 28.81 17.42
C LYS B 87 0.25 27.29 17.45
N THR B 88 -0.68 26.81 18.25
CA THR B 88 -0.96 25.35 18.25
C THR B 88 -1.52 24.90 16.92
N LEU B 89 -2.44 25.69 16.38
CA LEU B 89 -3.06 25.37 15.11
C LEU B 89 -2.09 25.45 13.92
N LEU B 90 -1.09 26.31 14.02
CA LEU B 90 -0.20 26.56 12.89
C LEU B 90 1.21 25.97 13.14
N MET B 91 1.40 25.32 14.28
CA MET B 91 2.72 24.78 14.62
C MET B 91 3.15 23.76 13.56
N GLY B 92 4.43 23.82 13.18
CA GLY B 92 4.96 22.89 12.21
C GLY B 92 5.34 21.57 12.83
N ASP B 93 5.33 20.53 12.00
CA ASP B 93 5.69 19.18 12.43
C ASP B 93 7.21 19.09 12.59
N ASP B 94 7.74 19.46 13.74
CA ASP B 94 9.19 19.35 13.97
C ASP B 94 9.56 18.95 15.40
N PRO B 95 9.32 17.67 15.75
CA PRO B 95 9.46 17.07 17.08
C PRO B 95 10.90 17.08 17.59
N SER B 96 11.87 17.03 16.67
CA SER B 96 13.28 17.05 17.06
C SER B 96 13.62 18.35 17.77
N SER B 97 13.03 19.43 17.29
CA SER B 97 13.36 20.77 17.75
C SER B 97 12.56 21.20 18.99
N VAL B 98 11.43 20.53 19.26
CA VAL B 98 10.54 20.99 20.33
C VAL B 98 10.80 20.33 21.70
N ASP B 99 10.92 21.15 22.75
CA ASP B 99 11.08 20.64 24.11
C ASP B 99 9.79 20.71 24.90
N LEU B 100 9.12 19.56 25.06
CA LEU B 100 7.85 19.48 25.77
C LEU B 100 8.00 19.45 27.28
N TYR B 101 9.24 19.40 27.78
CA TYR B 101 9.46 19.46 29.21
C TYR B 101 10.17 20.74 29.59
N SER B 102 9.96 21.79 28.79
CA SER B 102 10.32 23.15 29.16
C SER B 102 9.17 24.11 28.92
N ASP B 103 9.26 25.31 29.50
CA ASP B 103 8.27 26.34 29.20
C ASP B 103 8.76 27.37 28.16
N VAL B 104 10.01 27.25 27.70
CA VAL B 104 10.50 28.15 26.66
C VAL B 104 9.76 27.77 25.37
N ASP B 105 9.49 28.76 24.53
CA ASP B 105 8.62 28.63 23.37
C ASP B 105 9.34 28.32 22.04
N ASP B 106 9.55 27.02 21.80
CA ASP B 106 10.19 26.47 20.59
C ASP B 106 9.20 26.18 19.45
N ILE B 107 8.00 26.73 19.58
CA ILE B 107 6.90 26.53 18.63
C ILE B 107 6.97 27.50 17.47
N THR B 108 7.06 26.98 16.24
CA THR B 108 7.26 27.85 15.08
C THR B 108 6.20 27.64 14.00
N ILE B 109 5.62 28.75 13.53
CA ILE B 109 4.50 28.76 12.59
C ILE B 109 4.96 28.22 11.24
N SER B 110 4.08 27.55 10.50
CA SER B 110 4.49 26.83 9.28
C SER B 110 3.51 26.96 8.11
N LYS B 111 4.06 26.83 6.90
CA LYS B 111 3.29 26.92 5.66
C LYS B 111 2.30 25.77 5.60
N GLU B 112 2.73 24.64 6.18
CA GLU B 112 1.92 23.46 6.41
C GLU B 112 1.90 23.08 7.88
N PRO B 113 0.87 23.52 8.62
CA PRO B 113 0.83 23.14 10.03
C PRO B 113 0.71 21.63 10.23
N PHE B 114 1.18 21.16 11.38
CA PHE B 114 1.13 19.76 11.68
C PHE B 114 -0.31 19.25 11.77
N LEU B 115 -1.20 20.11 12.26
CA LEU B 115 -2.59 19.72 12.48
C LEU B 115 -3.45 19.94 11.23
N TYR B 116 -2.81 20.30 10.12
CA TYR B 116 -3.55 20.71 8.94
C TYR B 116 -4.32 19.53 8.34
N GLY B 117 -5.63 19.73 8.20
CA GLY B 117 -6.56 18.71 7.76
C GLY B 117 -7.14 17.93 8.92
N GLN B 118 -6.47 17.98 10.06
CA GLN B 118 -6.93 17.28 11.26
C GLN B 118 -7.89 18.11 12.09
N VAL B 119 -7.93 19.41 11.82
CA VAL B 119 -8.87 20.25 12.53
C VAL B 119 -9.46 21.27 11.56
N VAL B 120 -10.73 21.64 11.77
CA VAL B 120 -11.35 22.72 11.00
C VAL B 120 -11.89 23.79 11.92
N ASP B 121 -12.13 24.97 11.37
CA ASP B 121 -12.75 26.04 12.14
C ASP B 121 -14.29 25.95 12.11
N ASN B 122 -14.97 26.89 12.77
CA ASN B 122 -16.42 26.88 12.84
C ASN B 122 -17.11 26.96 11.46
N THR B 123 -16.41 27.49 10.44
CA THR B 123 -16.90 27.41 9.05
C THR B 123 -16.78 26.02 8.36
N GLY B 124 -16.02 25.10 8.93
CA GLY B 124 -15.74 23.82 8.28
C GLY B 124 -14.52 23.84 7.36
N GLN B 125 -13.65 24.82 7.52
CA GLN B 125 -12.44 24.93 6.69
C GLN B 125 -11.20 24.53 7.47
N PRO B 126 -10.26 23.88 6.77
CA PRO B 126 -8.93 23.56 7.32
C PRO B 126 -8.15 24.84 7.55
N ILE B 127 -7.19 24.83 8.47
CA ILE B 127 -6.48 26.04 8.88
C ILE B 127 -4.97 26.05 8.61
N ARG B 128 -4.52 26.92 7.69
CA ARG B 128 -3.07 27.13 7.52
C ARG B 128 -2.65 28.60 7.40
N TRP B 129 -3.57 29.52 7.67
CA TRP B 129 -3.27 30.94 7.53
C TRP B 129 -3.46 31.58 8.89
N GLU B 130 -2.71 32.63 9.17
CA GLU B 130 -2.75 33.26 10.49
C GLU B 130 -4.11 33.91 10.75
N GLY B 131 -4.71 34.44 9.67
CA GLY B 131 -5.95 35.16 9.75
C GLY B 131 -7.10 34.25 10.13
N ARG B 132 -7.19 33.11 9.45
CA ARG B 132 -8.21 32.12 9.75
C ARG B 132 -8.04 31.52 11.12
N ALA B 133 -6.81 31.28 11.53
CA ALA B 133 -6.54 30.79 12.88
C ALA B 133 -6.98 31.83 13.90
N SER B 134 -6.66 33.10 13.64
CA SER B 134 -6.99 34.22 14.52
C SER B 134 -8.48 34.40 14.70
N ASN B 135 -9.22 34.39 13.60
CA ASN B 135 -10.65 34.56 13.68
C ASN B 135 -11.24 33.44 14.51
N PHE B 136 -10.74 32.22 14.27
CA PHE B 136 -11.18 31.04 14.98
C PHE B 136 -10.84 31.14 16.46
N ALA B 137 -9.67 31.70 16.78
CA ALA B 137 -9.34 31.94 18.17
C ALA B 137 -10.33 32.94 18.79
N ASP B 138 -10.65 34.02 18.06
CA ASP B 138 -11.59 35.02 18.57
C ASP B 138 -12.99 34.42 18.74
N TYR B 139 -13.41 33.59 17.80
CA TYR B 139 -14.70 32.94 17.90
C TYR B 139 -14.79 32.04 19.13
N LEU B 140 -13.75 31.24 19.40
CA LEU B 140 -13.76 30.35 20.56
C LEU B 140 -13.74 31.12 21.87
N LEU B 141 -12.95 32.19 21.92
CA LEU B 141 -12.83 33.02 23.10
C LEU B 141 -14.17 33.66 23.44
N LYS B 142 -14.91 34.13 22.43
CA LYS B 142 -16.25 34.69 22.65
C LYS B 142 -17.33 33.63 22.88
N ASN B 143 -17.23 32.45 22.27
CA ASN B 143 -18.36 31.51 22.27
C ASN B 143 -18.12 30.14 22.87
N ARG B 144 -16.86 29.78 23.15
CA ARG B 144 -16.57 28.47 23.73
C ARG B 144 -15.64 28.53 24.94
N LEU B 145 -15.45 29.71 25.51
CA LEU B 145 -14.53 29.86 26.61
C LEU B 145 -15.07 29.30 27.91
N LYS B 146 -14.34 28.40 28.55
CA LYS B 146 -14.87 27.89 29.82
C LYS B 146 -13.90 28.06 30.97
N SER B 147 -14.44 27.95 32.18
CA SER B 147 -13.68 28.13 33.41
C SER B 147 -14.02 27.05 34.42
N ARG B 148 -13.07 26.70 35.28
CA ARG B 148 -13.33 25.78 36.40
C ARG B 148 -12.44 26.12 37.59
N SER B 149 -12.69 25.47 38.72
CA SER B 149 -11.87 25.69 39.91
C SER B 149 -11.05 24.47 40.29
N ASN B 150 -9.80 24.63 40.66
CA ASN B 150 -9.10 23.54 41.32
C ASN B 150 -9.42 23.47 42.82
N GLY B 151 -10.27 24.36 43.28
CA GLY B 151 -10.50 24.49 44.71
C GLY B 151 -9.81 25.67 45.38
N LEU B 152 -8.89 26.30 44.65
CA LEU B 152 -8.21 27.48 45.15
C LEU B 152 -8.16 28.60 44.12
N ARG B 153 -8.31 28.24 42.86
CA ARG B 153 -8.06 29.15 41.75
C ARG B 153 -8.83 28.77 40.48
N ILE B 154 -8.86 29.67 39.52
CA ILE B 154 -9.73 29.54 38.35
C ILE B 154 -8.96 29.31 37.06
N ILE B 155 -9.20 28.16 36.42
CA ILE B 155 -8.57 27.85 35.15
C ILE B 155 -9.49 28.13 33.96
N TYR B 156 -9.00 28.89 33.01
CA TYR B 156 -9.73 29.19 31.79
C TYR B 156 -9.29 28.26 30.64
N SER B 157 -10.25 27.74 29.87
CA SER B 157 -9.91 26.85 28.77
C SER B 157 -10.85 26.97 27.59
N VAL B 158 -10.32 26.61 26.43
CA VAL B 158 -11.14 26.28 25.27
C VAL B 158 -10.81 24.85 24.84
N THR B 159 -11.81 24.15 24.29
CA THR B 159 -11.68 22.80 23.76
C THR B 159 -11.97 22.84 22.26
N ILE B 160 -11.14 22.19 21.44
CA ILE B 160 -11.40 22.04 20.01
C ILE B 160 -11.42 20.56 19.64
N ASN B 161 -12.50 20.09 19.06
CA ASN B 161 -12.58 18.70 18.58
C ASN B 161 -12.00 18.56 17.17
N MET B 162 -11.17 17.55 16.98
CA MET B 162 -10.54 17.32 15.71
C MET B 162 -11.56 16.63 14.82
N VAL B 163 -11.28 16.55 13.52
CA VAL B 163 -12.23 15.92 12.59
C VAL B 163 -12.41 14.46 12.97
N PRO B 164 -13.55 13.86 12.59
CA PRO B 164 -13.83 12.48 13.01
C PRO B 164 -12.76 11.48 12.54
N ASN B 165 -12.14 11.76 11.40
CA ASN B 165 -11.16 10.92 10.82
C ASN B 165 -9.71 11.29 11.06
N HIS B 166 -9.45 12.08 12.08
CA HIS B 166 -8.14 12.57 12.47
C HIS B 166 -7.06 11.58 12.55
N LEU B 167 -7.39 10.38 12.96
CA LEU B 167 -6.44 9.37 13.11
C LEU B 167 -5.99 8.80 11.77
N ASP B 168 -6.89 8.74 10.82
CA ASP B 168 -6.54 8.35 9.49
C ASP B 168 -5.77 9.41 8.75
N LYS B 169 -6.02 10.67 9.01
CA LYS B 169 -5.33 11.73 8.35
C LYS B 169 -3.93 11.83 8.86
N ARG B 170 -3.75 11.48 10.12
CA ARG B 170 -2.47 11.59 10.76
C ARG B 170 -1.57 10.42 10.33
N ALA B 171 -2.13 9.25 10.18
CA ALA B 171 -1.41 8.09 9.71
C ALA B 171 -0.94 8.14 8.26
N HIS B 172 -1.60 8.95 7.45
CA HIS B 172 -1.28 9.13 6.06
C HIS B 172 0.07 9.73 5.92
N LYS B 173 0.44 10.56 6.85
CA LYS B 173 1.77 11.17 6.87
C LYS B 173 2.89 10.12 6.83
N TYR B 174 2.59 8.89 7.25
CA TYR B 174 3.61 7.88 7.49
C TYR B 174 3.55 6.58 6.65
N LEU B 175 2.54 6.46 5.79
CA LEU B 175 2.29 5.22 5.04
C LEU B 175 3.44 4.86 4.11
N GLY B 176 4.02 5.89 3.49
CA GLY B 176 5.15 5.69 2.61
C GLY B 176 6.32 5.18 3.42
N MET B 177 6.57 5.79 4.58
CA MET B 177 7.59 5.30 5.48
C MET B 177 7.33 3.85 5.95
N VAL B 178 6.07 3.52 6.26
CA VAL B 178 5.73 2.14 6.68
C VAL B 178 5.97 1.16 5.54
N ARG B 179 5.57 1.57 4.34
CA ARG B 179 5.72 0.79 3.12
C ARG B 179 7.20 0.40 2.86
N GLN B 180 8.10 1.36 3.02
CA GLN B 180 9.54 1.12 2.85
C GLN B 180 10.07 0.12 3.89
N ALA B 181 9.80 0.39 5.17
CA ALA B 181 10.24 -0.48 6.27
C ALA B 181 9.67 -1.88 6.12
N SER B 182 8.42 -1.98 5.68
CA SER B 182 7.86 -3.30 5.39
C SER B 182 8.60 -4.07 4.27
N ARG B 183 8.96 -3.36 3.21
CA ARG B 183 9.69 -3.99 2.11
C ARG B 183 11.06 -4.43 2.58
N LYS B 184 11.71 -3.57 3.35
CA LYS B 184 13.06 -3.83 3.80
C LYS B 184 13.18 -5.04 4.75
N TYR B 185 12.32 -5.11 5.76
CA TYR B 185 12.52 -6.09 6.82
C TYR B 185 11.58 -7.32 6.74
N GLY B 186 10.62 -7.30 5.82
CA GLY B 186 9.66 -8.39 5.71
C GLY B 186 8.59 -8.48 6.79
N VAL B 187 8.24 -7.32 7.36
CA VAL B 187 7.22 -7.24 8.40
C VAL B 187 5.95 -6.60 7.83
N ASP B 188 4.81 -7.24 8.09
CA ASP B 188 3.53 -6.81 7.52
C ASP B 188 3.25 -5.37 7.89
N GLU B 189 2.72 -4.62 6.92
CA GLU B 189 2.38 -3.22 7.10
C GLU B 189 1.31 -3.11 8.18
N SER B 190 0.40 -4.08 8.16
CA SER B 190 -0.71 -4.11 9.10
C SER B 190 -0.14 -4.21 10.51
N LEU B 191 0.93 -4.97 10.68
CA LEU B 191 1.59 -5.05 11.99
C LEU B 191 2.26 -3.75 12.43
N ILE B 192 3.03 -3.16 11.51
CA ILE B 192 3.72 -1.92 11.82
C ILE B 192 2.71 -0.86 12.24
N LEU B 193 1.63 -0.76 11.45
CA LEU B 193 0.60 0.25 11.66
C LEU B 193 -0.15 0.03 12.97
N ALA B 194 -0.43 -1.23 13.31
CA ALA B 194 -1.12 -1.54 14.57
C ALA B 194 -0.29 -1.18 15.80
N ILE B 195 1.00 -1.44 15.75
CA ILE B 195 1.95 -1.11 16.78
C ILE B 195 2.05 0.40 16.97
N MET B 196 2.15 1.09 15.86
CA MET B 196 2.29 2.51 15.82
C MET B 196 1.05 3.18 16.42
N GLN B 197 -0.10 2.77 15.96
CA GLN B 197 -1.33 3.31 16.44
C GLN B 197 -1.57 3.13 17.91
N THR B 198 -1.19 2.00 18.45
CA THR B 198 -1.51 1.69 19.81
C THR B 198 -0.45 2.22 20.71
N GLN B 199 0.74 2.41 20.20
CA GLN B 199 1.79 3.00 20.99
C GLN B 199 1.74 4.50 21.04
N SER B 200 1.36 5.12 19.94
CA SER B 200 1.35 6.57 19.92
C SER B 200 0.15 7.33 19.36
N SER B 201 -0.80 6.65 18.76
CA SER B 201 -1.80 7.27 17.88
C SER B 201 -1.14 8.14 16.83
N PHE B 202 -0.05 7.62 16.31
CA PHE B 202 0.67 8.37 15.30
C PHE B 202 1.07 9.78 15.77
N ASN B 203 1.60 9.87 17.00
CA ASN B 203 2.11 11.13 17.55
C ASN B 203 3.64 11.13 17.49
N PRO B 204 4.20 12.03 16.68
CA PRO B 204 5.65 12.16 16.50
C PRO B 204 6.37 12.75 17.71
N TYR B 205 5.62 13.31 18.66
CA TYR B 205 6.21 13.93 19.85
C TYR B 205 6.20 12.97 21.02
N ALA B 206 5.85 11.72 20.73
CA ALA B 206 5.56 10.75 21.78
C ALA B 206 6.78 10.45 22.65
N VAL B 207 6.62 10.58 23.96
CA VAL B 207 7.64 10.23 24.96
C VAL B 207 6.94 9.52 26.11
N SER B 208 7.55 8.46 26.63
CA SER B 208 6.90 7.65 27.67
C SER B 208 7.58 7.73 29.03
N ARG B 209 6.86 7.31 30.07
CA ARG B 209 7.42 7.30 31.43
C ARG B 209 8.59 6.34 31.55
N SER B 210 8.72 5.42 30.60
CA SER B 210 9.79 4.43 30.61
C SER B 210 10.81 4.67 29.49
N ASP B 211 10.90 5.91 29.04
CA ASP B 211 11.96 6.35 28.13
C ASP B 211 11.80 6.01 26.67
N ALA B 212 10.64 5.55 26.26
CA ALA B 212 10.39 5.19 24.86
C ALA B 212 10.11 6.46 24.03
N LEU B 213 10.65 6.54 22.83
CA LEU B 213 10.63 7.74 22.05
C LEU B 213 10.01 7.60 20.67
N GLY B 214 9.20 8.56 20.26
CA GLY B 214 8.69 8.67 18.90
C GLY B 214 7.46 7.87 18.56
N LEU B 215 7.20 7.70 17.27
CA LEU B 215 6.00 7.07 16.74
C LEU B 215 5.81 5.62 17.11
N MET B 216 6.90 4.90 17.10
CA MET B 216 6.91 3.53 17.41
C MET B 216 7.41 3.26 18.79
N GLN B 217 7.72 4.31 19.50
CA GLN B 217 8.13 4.24 20.89
C GLN B 217 9.33 3.33 21.06
N VAL B 218 10.46 3.79 20.61
CA VAL B 218 11.68 3.07 20.77
C VAL B 218 12.44 3.53 21.98
N VAL B 219 12.76 2.58 22.84
CA VAL B 219 13.69 2.79 23.91
C VAL B 219 15.07 2.61 23.32
N GLN B 220 15.94 3.56 23.55
CA GLN B 220 17.22 3.60 22.86
C GLN B 220 18.19 2.53 23.31
N HIS B 221 18.27 2.30 24.60
CA HIS B 221 19.26 1.40 25.11
C HIS B 221 18.93 -0.02 25.02
N THR B 222 17.67 -0.33 24.81
CA THR B 222 17.30 -1.71 24.60
C THR B 222 17.08 -2.03 23.15
N ALA B 223 15.97 -1.66 22.58
CA ALA B 223 15.68 -1.92 21.18
C ALA B 223 16.56 -1.13 20.22
N GLY B 224 16.96 0.06 20.63
CA GLY B 224 17.81 0.87 19.83
C GLY B 224 19.09 0.17 19.47
N LYS B 225 19.79 -0.37 20.45
CA LYS B 225 21.05 -1.05 20.23
C LYS B 225 20.87 -2.33 19.45
N ASP B 226 20.02 -3.17 19.95
CA ASP B 226 19.80 -4.43 19.32
C ASP B 226 19.60 -4.35 17.82
N VAL B 227 19.12 -3.23 17.32
CA VAL B 227 18.91 -3.10 15.88
C VAL B 227 20.17 -2.62 15.21
N PHE B 228 20.78 -1.60 15.76
CA PHE B 228 22.04 -1.13 15.24
C PHE B 228 23.00 -2.31 15.09
N ARG B 229 22.87 -3.22 16.03
CA ARG B 229 23.67 -4.38 16.09
C ARG B 229 23.24 -5.38 15.08
N SER B 230 21.97 -5.49 14.86
CA SER B 230 21.51 -6.48 13.93
C SER B 230 22.09 -6.17 12.58
N GLN B 231 22.34 -4.90 12.32
CA GLN B 231 22.71 -4.51 11.00
C GLN B 231 24.10 -3.91 10.93
N GLY B 232 24.86 -4.17 11.96
CA GLY B 232 26.29 -3.91 11.99
C GLY B 232 26.66 -2.45 12.18
N LYS B 233 25.74 -1.65 12.73
CA LYS B 233 26.06 -0.27 13.04
C LYS B 233 26.57 -0.33 14.47
N SER B 234 27.27 0.70 14.93
CA SER B 234 27.77 0.66 16.29
C SER B 234 27.21 1.79 17.13
N GLY B 235 27.20 1.60 18.42
CA GLY B 235 26.68 2.62 19.30
C GLY B 235 25.20 2.49 19.54
N THR B 236 24.58 3.62 19.80
CA THR B 236 23.21 3.69 20.23
C THR B 236 22.49 4.79 19.47
N PRO B 237 21.17 4.50 19.04
CA PRO B 237 20.52 5.62 18.33
C PRO B 237 20.30 6.89 19.16
N SER B 238 20.47 8.07 18.59
CA SER B 238 20.39 9.32 19.34
C SER B 238 18.94 9.79 19.56
N ARG B 239 18.77 10.71 20.50
CA ARG B 239 17.44 11.23 20.85
C ARG B 239 16.76 11.94 19.68
N SER B 240 17.55 12.65 18.87
CA SER B 240 16.98 13.42 17.76
C SER B 240 16.70 12.52 16.58
N PHE B 241 17.50 11.45 16.49
CA PHE B 241 17.34 10.44 15.44
C PHE B 241 16.04 9.66 15.62
N LEU B 242 15.66 9.36 16.86
CA LEU B 242 14.44 8.58 17.06
C LEU B 242 13.20 9.49 16.96
N PHE B 243 13.38 10.80 16.96
CA PHE B 243 12.26 11.72 16.75
C PHE B 243 12.16 12.13 15.28
N ASP B 244 13.00 11.53 14.45
CA ASP B 244 12.81 11.62 13.01
C ASP B 244 11.96 10.42 12.57
N PRO B 245 10.76 10.69 12.01
CA PRO B 245 9.77 9.64 11.75
C PRO B 245 10.28 8.51 10.87
N ALA B 246 10.97 8.84 9.78
CA ALA B 246 11.50 7.81 8.88
C ALA B 246 12.54 6.95 9.55
N SER B 247 13.41 7.55 10.36
CA SER B 247 14.39 6.80 11.11
C SER B 247 13.74 5.89 12.16
N ASN B 248 12.77 6.46 12.89
CA ASN B 248 12.06 5.77 13.97
C ASN B 248 11.31 4.51 13.50
N ILE B 249 10.56 4.68 12.42
CA ILE B 249 9.71 3.62 11.86
C ILE B 249 10.55 2.48 11.28
N ASP B 250 11.69 2.85 10.70
CA ASP B 250 12.63 1.87 10.19
C ASP B 250 13.33 1.16 11.34
N THR B 251 13.61 1.86 12.42
CA THR B 251 14.23 1.26 13.59
C THR B 251 13.30 0.34 14.36
N GLY B 252 12.07 0.75 14.59
CA GLY B 252 11.09 -0.06 15.28
C GLY B 252 10.64 -1.26 14.49
N THR B 253 10.53 -1.08 13.19
CA THR B 253 10.22 -2.15 12.28
C THR B 253 11.36 -3.12 12.25
N ALA B 254 12.55 -2.59 12.28
CA ALA B 254 13.72 -3.41 12.45
C ALA B 254 13.63 -4.30 13.72
N TYR B 255 13.30 -3.71 14.86
CA TYR B 255 13.14 -4.50 16.05
C TYR B 255 12.12 -5.56 15.95
N LEU B 256 10.98 -5.23 15.39
CA LEU B 256 9.94 -6.19 15.19
C LEU B 256 10.44 -7.41 14.46
N ALA B 257 11.42 -7.18 13.60
CA ALA B 257 12.08 -8.18 12.80
C ALA B 257 12.84 -9.20 13.61
N MET B 258 13.78 -8.75 14.43
CA MET B 258 14.45 -9.62 15.36
C MET B 258 13.59 -10.39 16.32
N LEU B 259 12.52 -9.80 16.82
CA LEU B 259 11.65 -10.54 17.68
C LEU B 259 11.18 -11.77 16.94
N ASN B 260 10.83 -11.59 15.68
CA ASN B 260 10.29 -12.62 14.82
C ASN B 260 11.28 -13.68 14.38
N ASN B 261 12.45 -13.24 13.98
CA ASN B 261 13.44 -14.06 13.37
C ASN B 261 14.16 -14.85 14.43
N VAL B 262 14.76 -14.12 15.34
CA VAL B 262 15.66 -14.68 16.32
C VAL B 262 14.97 -14.97 17.66
N TYR B 263 14.62 -13.95 18.41
CA TYR B 263 14.09 -14.13 19.73
C TYR B 263 12.98 -15.13 19.86
N LEU B 264 11.95 -14.97 19.04
CA LEU B 264 10.77 -15.81 19.08
C LEU B 264 10.71 -16.72 17.85
N GLY B 265 11.88 -16.90 17.22
CA GLY B 265 12.00 -17.61 15.96
C GLY B 265 11.74 -19.11 15.97
N GLY B 266 11.92 -19.73 17.14
CA GLY B 266 11.70 -21.13 17.32
C GLY B 266 10.23 -21.48 17.31
N ILE B 267 9.40 -20.48 17.18
CA ILE B 267 8.00 -20.71 17.03
C ILE B 267 7.83 -21.02 15.56
N ASP B 268 7.09 -22.06 15.23
CA ASP B 268 6.93 -22.42 13.82
C ASP B 268 5.71 -21.75 13.18
N ASN B 269 4.55 -21.86 13.80
CA ASN B 269 3.36 -21.24 13.24
C ASN B 269 3.44 -19.71 13.30
N PRO B 270 3.31 -19.08 12.13
CA PRO B 270 3.50 -17.64 11.92
C PRO B 270 2.48 -16.80 12.66
N THR B 271 1.24 -17.27 12.73
CA THR B 271 0.23 -16.59 13.55
C THR B 271 0.48 -16.73 15.05
N SER B 272 1.03 -17.85 15.48
CA SER B 272 1.47 -17.98 16.87
C SER B 272 2.69 -17.11 17.16
N ARG B 273 3.65 -17.13 16.24
CA ARG B 273 4.88 -16.37 16.42
C ARG B 273 4.61 -14.87 16.46
N ARG B 274 3.59 -14.43 15.71
CA ARG B 274 3.19 -13.02 15.70
C ARG B 274 2.58 -12.60 17.04
N TYR B 275 1.69 -13.40 17.59
CA TYR B 275 1.14 -13.17 18.89
C TYR B 275 2.23 -12.98 19.89
N ALA B 276 3.25 -13.80 19.80
CA ALA B 276 4.38 -13.67 20.68
C ALA B 276 5.16 -12.39 20.50
N VAL B 277 5.30 -11.94 19.26
CA VAL B 277 6.06 -10.75 18.89
C VAL B 277 5.42 -9.45 19.36
N ILE B 278 4.10 -9.43 19.29
CA ILE B 278 3.28 -8.33 19.69
C ILE B 278 3.40 -8.12 21.18
N THR B 279 3.51 -9.20 21.92
CA THR B 279 3.73 -9.16 23.34
C THR B 279 5.10 -8.74 23.76
N ALA B 280 6.12 -9.21 23.09
CA ALA B 280 7.47 -8.92 23.48
C ALA B 280 7.87 -7.51 23.17
N TYR B 281 7.19 -6.86 22.25
CA TYR B 281 7.54 -5.54 21.84
C TYR B 281 7.29 -4.67 23.03
N ASN B 282 6.20 -4.97 23.70
CA ASN B 282 5.92 -4.46 24.99
C ASN B 282 6.74 -5.07 26.10
N GLY B 283 6.59 -6.35 26.35
CA GLY B 283 7.14 -6.99 27.51
C GLY B 283 8.51 -7.60 27.55
N GLY B 284 9.17 -7.73 26.42
CA GLY B 284 10.43 -8.47 26.35
C GLY B 284 10.25 -9.90 25.87
N ALA B 285 11.12 -10.38 25.01
CA ALA B 285 11.04 -11.75 24.49
C ALA B 285 11.23 -12.84 25.55
N GLY B 286 12.08 -12.58 26.55
CA GLY B 286 12.24 -13.54 27.62
C GLY B 286 10.96 -13.83 28.39
N SER B 287 10.22 -12.79 28.78
CA SER B 287 9.00 -12.96 29.57
C SER B 287 7.91 -13.73 28.84
N VAL B 288 7.92 -13.67 27.53
CA VAL B 288 6.89 -14.31 26.73
C VAL B 288 7.11 -15.82 26.69
N LEU B 289 8.35 -16.22 26.61
CA LEU B 289 8.66 -17.65 26.61
C LEU B 289 8.39 -18.32 27.95
N ARG B 290 8.68 -17.60 29.03
CA ARG B 290 8.55 -18.16 30.36
C ARG B 290 7.12 -18.47 30.77
N VAL B 291 6.16 -17.92 30.04
CA VAL B 291 4.75 -18.27 30.28
C VAL B 291 4.54 -19.79 30.10
N PHE B 292 5.40 -20.40 29.29
CA PHE B 292 5.29 -21.83 29.00
C PHE B 292 6.45 -22.60 29.68
N SER B 293 7.62 -21.98 29.79
CA SER B 293 8.76 -22.53 30.50
C SER B 293 9.95 -21.56 30.62
N ASN B 294 10.75 -21.74 31.68
CA ASN B 294 11.97 -20.96 31.92
C ASN B 294 13.06 -21.47 30.98
N ASP B 295 12.71 -22.54 30.28
CA ASP B 295 13.61 -23.20 29.34
C ASP B 295 13.13 -22.87 27.91
N LYS B 296 13.80 -21.91 27.27
CA LYS B 296 13.40 -21.36 25.99
C LYS B 296 13.09 -22.45 25.02
N ILE B 297 14.11 -23.27 24.78
CA ILE B 297 13.90 -24.57 24.24
C ILE B 297 13.58 -25.35 25.53
N GLN B 298 12.33 -25.44 25.90
CA GLN B 298 11.32 -25.24 24.94
C GLN B 298 9.94 -24.91 25.40
N ALA B 299 9.73 -23.63 25.58
CA ALA B 299 8.44 -23.03 25.61
C ALA B 299 7.85 -23.10 24.22
N ALA B 300 8.69 -23.05 23.20
CA ALA B 300 8.22 -23.04 21.83
C ALA B 300 7.56 -24.33 21.37
N ASN B 301 8.03 -25.44 21.92
CA ASN B 301 7.50 -26.75 21.57
C ASN B 301 6.18 -26.92 22.23
N ILE B 302 5.98 -26.21 23.34
CA ILE B 302 4.68 -26.18 23.95
C ILE B 302 3.76 -25.29 23.17
N ILE B 303 4.19 -24.08 22.83
CA ILE B 303 3.48 -23.29 21.86
C ILE B 303 3.30 -24.14 20.60
N ASN B 304 4.38 -24.76 20.16
CA ASN B 304 4.36 -25.56 18.97
C ASN B 304 3.35 -26.66 18.90
N THR B 305 2.87 -27.15 20.02
CA THR B 305 1.81 -28.16 20.00
C THR B 305 0.40 -27.58 20.10
N MET B 306 0.31 -26.26 20.23
CA MET B 306 -0.95 -25.55 20.51
C MET B 306 -1.52 -24.88 19.27
N THR B 307 -2.81 -24.61 19.32
CA THR B 307 -3.46 -23.78 18.34
C THR B 307 -3.12 -22.30 18.63
N PRO B 308 -3.14 -21.46 17.60
CA PRO B 308 -2.84 -20.04 17.81
C PRO B 308 -3.84 -19.40 18.76
N GLY B 309 -5.11 -19.79 18.63
CA GLY B 309 -6.19 -19.30 19.46
C GLY B 309 -6.02 -19.60 20.94
N ASP B 310 -5.34 -20.70 21.25
CA ASP B 310 -5.03 -21.07 22.63
C ASP B 310 -3.85 -20.22 23.12
N VAL B 311 -2.87 -20.01 22.24
CA VAL B 311 -1.74 -19.14 22.55
C VAL B 311 -2.21 -17.71 22.80
N TYR B 312 -3.07 -17.19 21.92
CA TYR B 312 -3.65 -15.87 22.09
C TYR B 312 -4.38 -15.86 23.45
N GLN B 313 -5.13 -16.92 23.73
CA GLN B 313 -5.85 -17.04 25.01
C GLN B 313 -4.94 -17.27 26.22
N THR B 314 -3.89 -18.08 26.08
CA THR B 314 -2.96 -18.26 27.20
C THR B 314 -2.18 -16.96 27.52
N LEU B 315 -1.78 -16.22 26.49
CA LEU B 315 -1.02 -15.01 26.69
C LEU B 315 -1.86 -13.89 27.24
N THR B 316 -3.07 -13.78 26.76
CA THR B 316 -3.99 -12.72 27.20
C THR B 316 -4.53 -12.93 28.61
N THR B 317 -4.19 -14.05 29.23
CA THR B 317 -4.63 -14.30 30.60
C THR B 317 -3.52 -14.61 31.61
N ARG B 318 -2.42 -15.19 31.12
CA ARG B 318 -1.38 -15.67 32.04
C ARG B 318 0.00 -15.04 31.86
N HIS B 319 0.14 -13.93 31.16
CA HIS B 319 1.41 -13.28 31.16
C HIS B 319 1.45 -12.42 32.37
N PRO B 320 2.64 -12.19 32.87
CA PRO B 320 2.78 -11.43 34.11
C PRO B 320 2.19 -10.02 34.07
N SER B 321 2.59 -9.22 33.09
CA SER B 321 2.20 -7.81 33.05
C SER B 321 0.78 -7.61 32.56
N ALA B 322 -0.01 -6.86 33.32
CA ALA B 322 -1.38 -6.58 32.92
C ALA B 322 -1.35 -5.75 31.65
N GLU B 323 -0.29 -4.97 31.48
CA GLU B 323 -0.15 -4.15 30.30
C GLU B 323 0.09 -5.06 29.09
N SER B 324 0.98 -6.03 29.20
CA SER B 324 1.33 -6.95 28.12
C SER B 324 0.21 -7.83 27.68
N ARG B 325 -0.63 -8.20 28.59
CA ARG B 325 -1.85 -8.94 28.26
C ARG B 325 -2.77 -8.01 27.47
N ARG B 326 -2.95 -6.80 27.99
CA ARG B 326 -3.83 -5.83 27.34
C ARG B 326 -3.28 -5.40 25.98
N TYR B 327 -1.98 -5.23 25.89
CA TYR B 327 -1.36 -4.82 24.66
C TYR B 327 -1.63 -5.78 23.54
N LEU B 328 -1.47 -7.08 23.79
CA LEU B 328 -1.64 -8.07 22.78
C LEU B 328 -3.00 -7.96 22.16
N TYR B 329 -3.98 -7.89 23.01
CA TYR B 329 -5.36 -7.77 22.56
C TYR B 329 -5.55 -6.52 21.70
N LYS B 330 -4.94 -5.42 22.11
CA LYS B 330 -5.14 -4.14 21.45
C LYS B 330 -4.47 -4.09 20.08
N VAL B 331 -3.27 -4.65 19.98
CA VAL B 331 -2.59 -4.67 18.69
C VAL B 331 -3.26 -5.63 17.72
N ASN B 332 -3.65 -6.81 18.19
CA ASN B 332 -4.30 -7.79 17.33
C ASN B 332 -5.58 -7.22 16.74
N THR B 333 -6.40 -6.60 17.57
CA THR B 333 -7.61 -5.96 17.05
C THR B 333 -7.25 -4.79 16.12
N ALA B 334 -6.24 -4.00 16.47
CA ALA B 334 -5.82 -2.89 15.59
C ALA B 334 -5.31 -3.42 14.25
N GLN B 335 -4.49 -4.46 14.30
CA GLN B 335 -3.91 -5.02 13.08
C GLN B 335 -5.02 -5.52 12.14
N LYS B 336 -6.13 -5.97 12.71
CA LYS B 336 -7.28 -6.42 11.91
C LYS B 336 -7.78 -5.32 10.98
N SER B 337 -7.87 -4.09 11.50
CA SER B 337 -8.32 -2.96 10.71
C SER B 337 -7.39 -2.58 9.56
N TYR B 338 -6.10 -2.82 9.71
CA TYR B 338 -5.13 -2.47 8.68
C TYR B 338 -4.86 -3.64 7.74
N ARG B 339 -5.37 -4.81 8.09
CA ARG B 339 -5.01 -6.06 7.42
C ARG B 339 -5.68 -6.18 6.05
N ARG B 340 -6.99 -5.93 6.00
CA ARG B 340 -7.71 -5.95 4.72
C ARG B 340 -7.36 -4.65 4.00
N ARG B 341 -7.70 -4.52 2.72
CA ARG B 341 -8.46 -5.49 1.91
C ARG B 341 -8.24 -5.15 0.46
N ALA C 1 -6.56 -14.08 -24.28
CA ALA C 1 -5.43 -14.85 -24.58
C ALA C 1 -5.72 -14.91 -26.02
#